data_1Z7Z
#
_entry.id   1Z7Z
#
_cell.length_a   1.0
_cell.length_b   1.0
_cell.length_c   1.0
_cell.angle_alpha   90.0
_cell.angle_beta   90.0
_cell.angle_gamma   90.0
#
_symmetry.space_group_name_H-M   'P 1'
#
loop_
_entity.id
_entity.type
_entity.pdbx_description
1 polymer 'human coxsackievirus A21'
2 polymer 'human coxsackievirus A21'
3 polymer 'human coxsackievirus A21'
4 polymer 'human coxsackievirus A21'
5 polymer 'human coxsackievirus A21'
6 polymer 'Intercellular adhesion molecule-1'
7 non-polymer 2-acetamido-2-deoxy-beta-D-glucopyranose
#
loop_
_entity_poly.entity_id
_entity_poly.type
_entity_poly.pdbx_seq_one_letter_code
_entity_poly.pdbx_strand_id
1 'polypeptide(L)'
;GIEDLIDTAIKNALRVSQPPSTQSTEATSGVNSQEVPALTAVETGASGQAIPSDVVETRHVVNYKTRSESCLESFFGRAA
CVTILSLTNSSKSGEEKKHFNIWNITYTDTVQLRRKLEFFTYSRFDLEMTFVFTENYPSTASGEVRNQVYQIMYIPPGAP
RPSSWDDYTWQSSSNPSIFYMYGNAPPRMSIPYVGIANAYSHFYDGFARVPLEGENTDAGDTFYGLVSINDFGVLAVRAV
NRSNPHTIHTSVRVYMKPKHIRCWCPRPPRAVLYRGEGVDMISSAI
;
1
2 'polypeptide(L)'
;SPNVEACGYSDRVRQITLGNSTITTQEAANAIVAYGEWPTYINDSEANPVDAPTEPDVSSNRFYTLESVSWKTTSRGWWW
KLPDCLKDMGMFGQNMYYHYLGRSGYTIHVQCNASKFHQGALGVFLIPEFVMACNTESKTSYVSYINANPGERGGEFTNT
YNPSNTDASEGRKFAALDYLLGSGVLAGNAFVYPHQIINLRTNNSATIVVPYVNSLVIDCMAKHNNWGIVILPLAPLAFA
ATSSPQVPITVTIAPMCTEFNGLRNITVPVHQ
;
2
3 'polypeptide(L)'
;GLPTMNTPGSNQFLTSDDFQSPCALPNFDVTPPIHIPGEVKNMMELAEIDTLIPMNAVDGKVNTMEMYQIPLNDNLSKAP
IFCLSLSPASDKRLSHTMLGEILNYYTHWTGSIRFTFLFCGSMMATGKLLLSYSPPGAKPPTNRKDAMLGTHIIWDLGLQ
SSCSMVAPWISNTVYRRCARDDFTEGGFITCFYQTRIVVPASTPTSMFMLGFVSACPDFSVRLLKDTPHISQSK
;
3
4 'polypeptide(L)' LPLTKVDSITTF 4
5 'polypeptide(L)' LIGRTQ 5
6 'polypeptide(L)'
;QTSVSPSKVILPRGGSVLVTCSTSCDQPMLLGIETPLPKKELLLPGNNRKVYELSNVQEDSQPMCYSNCPDGQSTAKTFL
TVYWTPERVELAPLPSWQPVGKNLTLRCQVEGGAPRANLTVVLLRGEKELKREPAVGEPAEVTTTVLVRRDHHGANFSCR
TELDLRPQGLELFENTSAPYQLQTFVLPATPPQLVSPRVLEVDTQGTVVCSLDGLFPVSEAQVHLALGDQRLNPTVTYGN
DSFSAKASVSVTAEDEGTQRLTCAVILGNQSQETLQTVTIYSFPAPNVILTKPEVSEGTEVTVKCEAHPRAKVTLNGVPA
QPLGPRAQLLLKATPEDNGRSFSCSATLEVAGQLIHKNQTRELRVLYGPRLDERDCPGNWTWPENSQQTPMCQAWGNPLP
ELKCLKDGTFPLPIGESVTVTRDLEGTYLCRARSTQGEVTREVTVNVLSP
;
I
#
loop_
_chem_comp.id
_chem_comp.type
_chem_comp.name
_chem_comp.formula
NAG D-saccharide, beta linking 2-acetamido-2-deoxy-beta-D-glucopyranose 'C8 H15 N O6'
#
# COMPACT_ATOMS: atom_id res chain seq x y z
N GLU A 73 -24.74 41.50 40.64
CA GLU A 73 -25.20 40.89 41.93
C GLU A 73 -26.62 40.41 41.93
N SER A 74 -27.65 41.25 42.23
CA SER A 74 -29.05 40.86 42.39
C SER A 74 -29.65 39.86 41.42
N PHE A 75 -29.37 40.03 40.10
CA PHE A 75 -29.74 39.12 39.03
C PHE A 75 -29.24 37.68 39.23
N PHE A 76 -28.01 37.53 39.73
CA PHE A 76 -27.35 36.26 39.95
C PHE A 76 -27.53 35.75 41.37
N GLY A 77 -28.07 36.57 42.29
CA GLY A 77 -28.12 36.29 43.73
C GLY A 77 -29.16 35.30 44.15
N ARG A 78 -29.10 34.08 43.59
CA ARG A 78 -29.95 32.96 43.90
C ARG A 78 -29.14 31.69 43.83
N ALA A 79 -29.40 30.75 44.76
CA ALA A 79 -28.83 29.42 44.70
C ALA A 79 -29.63 28.57 43.73
N ALA A 80 -29.11 28.38 42.50
CA ALA A 80 -29.81 27.66 41.46
C ALA A 80 -29.34 26.23 41.40
N CYS A 81 -30.25 25.27 41.13
CA CYS A 81 -29.89 23.86 41.07
C CYS A 81 -29.11 23.54 39.80
N VAL A 82 -27.96 22.89 39.96
CA VAL A 82 -27.20 22.29 38.89
C VAL A 82 -27.56 20.80 38.93
N THR A 83 -26.58 19.90 39.16
CA THR A 83 -26.79 18.48 38.93
C THR A 83 -27.58 17.77 40.01
N ILE A 84 -28.14 16.60 39.68
CA ILE A 84 -28.81 15.71 40.61
C ILE A 84 -28.13 14.36 40.50
N LEU A 85 -27.36 13.95 41.53
CA LEU A 85 -26.63 12.69 41.49
C LEU A 85 -27.36 11.62 42.29
N SER A 86 -27.49 10.42 41.70
CA SER A 86 -27.91 9.23 42.43
C SER A 86 -26.70 8.57 43.07
N LEU A 87 -26.82 8.14 44.33
CA LEU A 87 -25.98 7.10 44.87
C LEU A 87 -26.86 6.18 45.67
N THR A 88 -26.44 4.91 45.82
CA THR A 88 -27.34 3.87 46.32
C THR A 88 -26.54 2.98 47.22
N ASN A 89 -26.81 3.03 48.54
CA ASN A 89 -26.13 2.19 49.50
C ASN A 89 -26.86 0.85 49.54
N SER A 90 -26.22 -0.20 49.02
CA SER A 90 -26.81 -1.52 48.94
C SER A 90 -25.83 -2.59 49.34
N SER A 91 -26.37 -3.76 49.72
CA SER A 91 -25.63 -4.95 50.08
C SER A 91 -25.72 -6.03 49.03
N LYS A 92 -26.19 -5.71 47.81
CA LYS A 92 -26.30 -6.71 46.77
C LYS A 92 -25.04 -6.72 45.91
N SER A 93 -24.80 -7.86 45.21
CA SER A 93 -23.58 -8.23 44.50
C SER A 93 -22.89 -7.14 43.70
N GLY A 94 -23.59 -6.58 42.70
CA GLY A 94 -23.04 -5.55 41.84
C GLY A 94 -23.51 -4.18 42.19
N GLU A 95 -23.43 -3.78 43.46
CA GLU A 95 -23.87 -2.45 43.89
C GLU A 95 -22.76 -1.66 44.59
N GLU A 96 -21.51 -2.16 44.67
CA GLU A 96 -20.38 -1.43 45.24
C GLU A 96 -20.06 -0.13 44.51
N LYS A 97 -20.13 -0.17 43.17
CA LYS A 97 -20.04 0.98 42.29
C LYS A 97 -21.27 1.89 42.33
N LYS A 98 -22.33 1.49 43.06
CA LYS A 98 -23.56 2.22 43.23
C LYS A 98 -23.48 3.10 44.49
N HIS A 99 -22.74 2.61 45.50
CA HIS A 99 -22.52 3.16 46.83
C HIS A 99 -21.88 4.56 46.84
N PHE A 100 -21.17 4.91 45.74
CA PHE A 100 -20.62 6.23 45.52
C PHE A 100 -20.98 6.72 44.12
N ASN A 101 -20.77 8.02 43.84
CA ASN A 101 -20.89 8.53 42.49
C ASN A 101 -19.89 9.66 42.29
N ILE A 102 -19.41 9.84 41.04
CA ILE A 102 -18.47 10.88 40.66
C ILE A 102 -19.17 11.83 39.69
N TRP A 103 -18.86 13.14 39.75
CA TRP A 103 -19.40 14.15 38.85
C TRP A 103 -18.30 15.08 38.36
N ASN A 104 -18.37 15.49 37.07
CA ASN A 104 -17.48 16.44 36.43
C ASN A 104 -17.74 17.85 36.93
N ILE A 105 -16.71 18.66 37.22
CA ILE A 105 -16.94 20.05 37.60
C ILE A 105 -17.29 20.89 36.39
N THR A 106 -18.59 21.07 36.14
CA THR A 106 -19.11 21.95 35.10
C THR A 106 -20.35 22.65 35.65
N TYR A 107 -21.10 23.34 34.79
CA TYR A 107 -22.33 24.03 35.14
C TYR A 107 -23.33 23.90 34.01
N THR A 108 -23.17 22.87 33.18
CA THR A 108 -23.94 22.68 31.96
C THR A 108 -25.10 21.73 32.14
N ASP A 109 -25.17 21.01 33.29
CA ASP A 109 -26.23 20.08 33.65
C ASP A 109 -27.62 20.69 33.57
N THR A 110 -27.79 21.92 34.11
CA THR A 110 -29.06 22.64 34.04
C THR A 110 -28.95 23.87 33.19
N VAL A 111 -30.10 24.30 32.66
CA VAL A 111 -30.18 25.33 31.66
C VAL A 111 -30.45 26.68 32.29
N GLN A 112 -31.10 26.72 33.47
CA GLN A 112 -31.60 27.96 34.07
C GLN A 112 -30.52 28.94 34.50
N LEU A 113 -29.56 28.49 35.34
CA LEU A 113 -28.40 29.28 35.70
C LEU A 113 -27.50 29.51 34.50
N ARG A 114 -27.16 28.44 33.72
CA ARG A 114 -26.36 28.52 32.52
C ARG A 114 -26.78 29.64 31.57
N ARG A 115 -28.07 29.71 31.16
CA ARG A 115 -28.57 30.77 30.28
C ARG A 115 -28.35 32.20 30.78
N LYS A 116 -28.33 32.39 32.12
CA LYS A 116 -28.11 33.68 32.73
C LYS A 116 -26.64 34.06 32.77
N LEU A 117 -25.73 33.09 32.96
CA LEU A 117 -24.29 33.30 32.80
C LEU A 117 -23.95 33.57 31.35
N GLU A 118 -24.56 32.78 30.43
CA GLU A 118 -24.37 32.83 29.00
C GLU A 118 -24.81 34.13 28.31
N PHE A 119 -25.45 35.06 29.07
CA PHE A 119 -25.63 36.45 28.70
C PHE A 119 -24.33 37.21 28.50
N PHE A 120 -23.23 36.77 29.13
CA PHE A 120 -21.96 37.48 29.08
C PHE A 120 -20.91 36.54 28.54
N THR A 121 -19.88 37.08 27.86
CA THR A 121 -18.77 36.26 27.38
C THR A 121 -17.88 35.86 28.54
N TYR A 122 -17.49 36.83 29.40
CA TYR A 122 -16.59 36.57 30.50
C TYR A 122 -17.25 36.95 31.80
N SER A 123 -16.90 36.27 32.90
CA SER A 123 -17.41 36.60 34.23
C SER A 123 -16.31 36.44 35.25
N ARG A 124 -16.54 36.89 36.50
CA ARG A 124 -15.60 36.67 37.56
C ARG A 124 -16.34 36.79 38.86
N PHE A 125 -16.27 35.75 39.71
CA PHE A 125 -17.03 35.69 40.94
C PHE A 125 -16.42 34.70 41.92
N ASP A 126 -16.86 34.80 43.18
CA ASP A 126 -16.68 33.80 44.20
C ASP A 126 -17.95 32.97 44.21
N LEU A 127 -17.89 31.72 44.69
CA LEU A 127 -18.98 30.79 44.51
C LEU A 127 -19.50 30.29 45.83
N GLU A 128 -20.83 30.21 45.98
CA GLU A 128 -21.47 29.62 47.13
C GLU A 128 -22.09 28.30 46.69
N MET A 129 -21.65 27.20 47.30
CA MET A 129 -22.22 25.90 47.09
C MET A 129 -23.19 25.63 48.21
N THR A 130 -24.35 25.01 47.90
CA THR A 130 -25.30 24.53 48.89
C THR A 130 -25.74 23.17 48.41
N PHE A 131 -25.84 22.15 49.29
CA PHE A 131 -26.18 20.81 48.87
C PHE A 131 -27.43 20.31 49.57
N VAL A 132 -28.39 19.73 48.83
CA VAL A 132 -29.62 19.20 49.40
C VAL A 132 -29.70 17.71 49.12
N PHE A 133 -29.81 16.88 50.17
CA PHE A 133 -29.86 15.44 50.04
C PHE A 133 -31.29 14.98 50.26
N THR A 134 -31.75 13.97 49.50
CA THR A 134 -33.04 13.32 49.70
C THR A 134 -32.90 11.81 49.50
N GLU A 135 -33.04 11.01 50.58
CA GLU A 135 -33.00 9.55 50.52
C GLU A 135 -34.38 8.91 50.50
N ASN A 136 -34.47 7.69 49.93
CA ASN A 136 -35.70 6.94 49.81
C ASN A 136 -35.42 5.44 49.65
N TYR A 137 -36.49 4.61 49.71
CA TYR A 137 -36.40 3.16 49.55
C TYR A 137 -36.73 2.76 48.10
N PRO A 138 -35.90 2.00 47.36
CA PRO A 138 -36.17 1.69 45.96
C PRO A 138 -37.29 0.69 45.72
N SER A 139 -37.13 -0.56 46.18
CA SER A 139 -38.08 -1.64 45.96
C SER A 139 -38.85 -1.90 47.24
N THR A 140 -39.44 -3.10 47.42
CA THR A 140 -40.11 -3.49 48.65
C THR A 140 -39.13 -3.86 49.76
N ALA A 141 -37.84 -3.46 49.63
CA ALA A 141 -36.88 -3.47 50.69
C ALA A 141 -37.08 -2.30 51.66
N SER A 142 -38.34 -2.09 52.09
CA SER A 142 -38.76 -1.03 53.00
C SER A 142 -38.59 -1.51 54.43
N GLY A 143 -37.33 -1.71 54.84
CA GLY A 143 -36.98 -2.17 56.18
C GLY A 143 -35.92 -1.30 56.76
N GLU A 144 -35.19 -1.82 57.75
CA GLU A 144 -34.45 -0.97 58.65
C GLU A 144 -33.06 -0.57 58.19
N VAL A 145 -32.77 0.74 58.25
CA VAL A 145 -31.48 1.32 57.98
C VAL A 145 -31.18 2.31 59.10
N ARG A 146 -29.89 2.59 59.36
CA ARG A 146 -29.52 3.60 60.34
C ARG A 146 -29.25 4.91 59.63
N ASN A 147 -29.26 6.05 60.36
CA ASN A 147 -29.10 7.38 59.77
C ASN A 147 -27.81 7.52 58.97
N GLN A 148 -27.93 8.11 57.76
CA GLN A 148 -26.85 8.17 56.82
C GLN A 148 -25.98 9.39 57.02
N VAL A 149 -24.66 9.15 56.95
CA VAL A 149 -23.63 10.16 56.96
C VAL A 149 -23.02 10.16 55.59
N TYR A 150 -23.03 11.30 54.90
CA TYR A 150 -22.55 11.44 53.55
C TYR A 150 -21.26 12.24 53.54
N GLN A 151 -20.40 11.97 52.56
CA GLN A 151 -19.21 12.77 52.30
C GLN A 151 -19.26 13.29 50.89
N ILE A 152 -19.11 14.62 50.72
CA ILE A 152 -18.84 15.25 49.44
C ILE A 152 -17.37 15.56 49.44
N MET A 153 -16.63 15.00 48.47
CA MET A 153 -15.20 15.15 48.34
C MET A 153 -14.88 15.88 47.05
N TYR A 154 -14.11 16.97 47.09
CA TYR A 154 -13.58 17.59 45.88
C TYR A 154 -12.26 16.93 45.55
N ILE A 155 -12.08 16.48 44.30
CA ILE A 155 -10.84 15.93 43.80
C ILE A 155 -10.31 16.86 42.71
N PRO A 156 -9.29 17.70 42.96
CA PRO A 156 -8.73 18.57 41.93
C PRO A 156 -7.90 17.83 40.87
N PRO A 157 -7.45 18.44 39.78
CA PRO A 157 -6.72 17.74 38.72
C PRO A 157 -5.38 17.10 39.10
N GLY A 158 -5.14 15.86 38.65
CA GLY A 158 -3.92 15.10 38.91
C GLY A 158 -3.87 14.60 40.32
N ALA A 159 -4.83 13.75 40.72
CA ALA A 159 -5.06 13.43 42.11
C ALA A 159 -5.45 11.96 42.24
N PRO A 160 -5.42 11.34 43.41
CA PRO A 160 -5.80 9.95 43.58
C PRO A 160 -7.32 9.81 43.55
N ARG A 161 -7.87 9.33 42.42
CA ARG A 161 -9.29 9.14 42.23
C ARG A 161 -9.71 7.74 42.71
N PRO A 162 -10.94 7.53 43.21
CA PRO A 162 -11.23 6.37 44.05
C PRO A 162 -11.31 5.04 43.32
N SER A 163 -11.15 3.93 44.07
CA SER A 163 -11.24 2.57 43.56
C SER A 163 -12.56 1.94 43.95
N SER A 164 -12.95 2.10 45.24
CA SER A 164 -14.26 1.74 45.73
C SER A 164 -14.81 2.92 46.51
N TRP A 165 -15.90 2.71 47.26
CA TRP A 165 -16.59 3.78 47.96
C TRP A 165 -15.91 4.13 49.28
N ASP A 166 -15.24 3.16 49.90
CA ASP A 166 -14.70 3.26 51.24
C ASP A 166 -13.26 3.76 51.31
N ASP A 167 -12.44 3.52 50.28
CA ASP A 167 -10.99 3.47 50.34
C ASP A 167 -10.17 4.70 50.81
N TYR A 168 -8.84 4.57 50.65
CA TYR A 168 -7.81 5.47 51.12
C TYR A 168 -7.91 6.88 50.56
N THR A 169 -8.39 7.03 49.31
CA THR A 169 -8.49 8.30 48.60
C THR A 169 -9.38 9.28 49.34
N TRP A 170 -10.52 8.75 49.84
CA TRP A 170 -11.55 9.45 50.56
C TRP A 170 -11.19 9.83 51.99
N GLN A 171 -9.95 9.56 52.46
CA GLN A 171 -9.47 10.05 53.74
C GLN A 171 -9.30 11.55 53.71
N SER A 172 -8.87 12.10 52.56
CA SER A 172 -8.82 13.54 52.29
C SER A 172 -7.93 14.33 53.23
N SER A 173 -6.60 14.27 53.02
CA SER A 173 -5.67 15.02 53.85
C SER A 173 -5.54 16.45 53.38
N SER A 174 -5.77 16.64 52.08
CA SER A 174 -5.61 17.90 51.40
C SER A 174 -6.79 18.19 50.48
N ASN A 175 -7.43 17.15 49.90
CA ASN A 175 -8.66 17.24 49.11
C ASN A 175 -9.87 17.79 49.90
N PRO A 176 -10.38 19.00 49.72
CA PRO A 176 -11.38 19.57 50.64
C PRO A 176 -12.72 18.84 50.58
N SER A 177 -13.31 18.54 51.74
CA SER A 177 -14.43 17.62 51.84
C SER A 177 -15.43 18.10 52.88
N ILE A 178 -16.73 17.74 52.70
CA ILE A 178 -17.82 18.08 53.62
C ILE A 178 -18.44 16.80 54.12
N PHE A 179 -18.71 16.69 55.44
CA PHE A 179 -19.40 15.58 56.04
C PHE A 179 -20.81 16.02 56.43
N TYR A 180 -21.83 15.41 55.82
CA TYR A 180 -23.22 15.73 56.10
C TYR A 180 -23.85 14.58 56.86
N MET A 181 -24.56 14.93 57.94
CA MET A 181 -25.33 14.02 58.74
C MET A 181 -26.77 14.28 58.36
N TYR A 182 -27.45 13.30 57.71
CA TYR A 182 -28.79 13.50 57.17
C TYR A 182 -29.81 13.94 58.22
N GLY A 183 -30.64 14.94 57.88
CA GLY A 183 -31.64 15.51 58.78
C GLY A 183 -31.26 16.88 59.24
N ASN A 184 -29.96 17.21 59.24
CA ASN A 184 -29.50 18.54 59.61
C ASN A 184 -29.68 19.53 58.46
N ALA A 185 -29.32 20.81 58.70
CA ALA A 185 -29.43 21.87 57.72
C ALA A 185 -28.64 21.60 56.43
N PRO A 186 -29.05 22.08 55.25
CA PRO A 186 -28.37 21.77 53.99
C PRO A 186 -26.92 22.26 53.97
N PRO A 187 -25.88 21.44 53.86
CA PRO A 187 -24.51 21.88 54.06
C PRO A 187 -24.08 22.80 52.94
N ARG A 188 -23.28 23.80 53.27
CA ARG A 188 -23.01 24.86 52.33
C ARG A 188 -21.65 25.43 52.61
N MET A 189 -21.02 26.05 51.61
CA MET A 189 -19.68 26.57 51.77
C MET A 189 -19.41 27.59 50.70
N SER A 190 -18.28 28.32 50.83
CA SER A 190 -17.87 29.32 49.86
C SER A 190 -16.54 28.98 49.29
N ILE A 191 -16.37 29.28 47.99
CA ILE A 191 -15.20 28.96 47.21
C ILE A 191 -14.74 30.29 46.60
N PRO A 192 -13.46 30.62 46.53
CA PRO A 192 -13.00 31.84 45.85
C PRO A 192 -13.14 31.77 44.33
N TYR A 193 -12.84 32.87 43.64
CA TYR A 193 -12.40 32.87 42.25
C TYR A 193 -11.11 32.05 42.09
N VAL A 194 -11.25 30.75 41.78
CA VAL A 194 -10.13 29.82 41.70
C VAL A 194 -9.52 29.72 40.31
N GLY A 195 -10.22 30.24 39.27
CA GLY A 195 -9.87 30.13 37.85
C GLY A 195 -8.44 30.44 37.45
N ILE A 196 -7.95 29.77 36.39
CA ILE A 196 -6.56 29.85 35.92
C ILE A 196 -6.24 31.12 35.14
N ALA A 197 -7.28 31.84 34.68
CA ALA A 197 -7.17 33.07 33.93
C ALA A 197 -7.45 34.30 34.79
N ASN A 198 -7.63 35.49 34.19
CA ASN A 198 -7.91 36.72 34.92
C ASN A 198 -9.41 36.89 35.14
N ALA A 199 -10.22 36.27 34.27
CA ALA A 199 -11.65 36.10 34.44
C ALA A 199 -11.99 34.68 34.03
N TYR A 200 -13.24 34.23 34.24
CA TYR A 200 -13.75 33.01 33.63
C TYR A 200 -14.19 33.37 32.22
N SER A 201 -14.18 32.40 31.27
CA SER A 201 -14.88 32.61 30.00
C SER A 201 -15.90 31.52 29.87
N HIS A 202 -17.10 31.91 29.46
CA HIS A 202 -18.18 30.97 29.18
C HIS A 202 -18.04 30.42 27.76
N PHE A 203 -17.06 30.92 27.00
CA PHE A 203 -16.79 30.53 25.64
C PHE A 203 -15.29 30.25 25.49
N TYR A 204 -14.84 29.89 24.27
CA TYR A 204 -13.45 29.88 23.87
C TYR A 204 -13.47 29.55 22.39
N ASP A 205 -13.10 30.49 21.49
CA ASP A 205 -13.18 30.27 20.06
C ASP A 205 -11.84 29.79 19.55
N GLY A 206 -11.44 28.61 20.00
CA GLY A 206 -10.11 28.15 19.72
C GLY A 206 -9.92 26.74 20.10
N PHE A 207 -8.70 26.26 19.88
CA PHE A 207 -8.31 24.87 20.10
C PHE A 207 -7.66 24.72 21.44
N ALA A 208 -7.58 23.47 21.94
CA ALA A 208 -6.80 23.14 23.12
C ALA A 208 -5.30 23.24 22.81
N ARG A 209 -4.64 22.13 22.45
CA ARG A 209 -3.27 22.20 21.96
C ARG A 209 -3.29 22.38 20.46
N VAL A 210 -2.15 22.81 19.85
CA VAL A 210 -2.09 23.04 18.42
C VAL A 210 -1.95 21.73 17.63
N PRO A 211 -2.78 21.39 16.64
CA PRO A 211 -2.50 20.32 15.68
C PRO A 211 -1.42 20.76 14.68
N LEU A 212 -0.26 20.05 14.69
CA LEU A 212 0.91 20.49 13.89
C LEU A 212 1.02 19.82 12.50
N GLU A 213 2.02 20.10 11.61
CA GLU A 213 2.08 19.57 10.23
C GLU A 213 1.82 18.07 10.15
N GLY A 214 2.75 17.27 9.73
CA GLY A 214 2.35 15.90 9.62
C GLY A 214 1.52 15.30 10.75
N GLU A 215 0.27 15.64 10.95
CA GLU A 215 -0.49 14.82 11.88
C GLU A 215 -1.59 14.27 11.01
N ASN A 216 -2.63 15.09 10.84
CA ASN A 216 -3.77 14.80 10.00
C ASN A 216 -4.32 16.14 9.58
N THR A 217 -4.62 16.33 8.29
CA THR A 217 -5.31 17.51 7.74
C THR A 217 -6.59 17.83 8.48
N ASP A 218 -7.37 16.80 8.79
CA ASP A 218 -8.64 16.87 9.45
C ASP A 218 -8.57 17.03 10.97
N ALA A 219 -7.36 17.14 11.55
CA ALA A 219 -7.17 17.22 12.98
C ALA A 219 -7.64 18.53 13.62
N GLY A 220 -7.64 18.56 14.97
CA GLY A 220 -8.18 19.66 15.75
C GLY A 220 -9.55 19.35 16.26
N ASP A 221 -10.32 18.55 15.50
CA ASP A 221 -11.74 18.33 15.59
C ASP A 221 -12.42 18.30 16.96
N THR A 222 -12.02 17.32 17.77
CA THR A 222 -12.48 17.01 19.11
C THR A 222 -11.98 18.01 20.12
N PHE A 223 -10.86 18.67 19.80
CA PHE A 223 -10.16 19.56 20.72
C PHE A 223 -10.32 21.02 20.33
N TYR A 224 -11.56 21.40 19.94
CA TYR A 224 -12.01 22.76 19.76
C TYR A 224 -12.92 23.12 20.94
N GLY A 225 -12.99 24.43 21.30
CA GLY A 225 -14.01 24.96 22.19
C GLY A 225 -13.75 24.74 23.66
N LEU A 226 -14.52 25.45 24.52
CA LEU A 226 -14.40 25.43 25.98
C LEU A 226 -14.41 24.04 26.61
N VAL A 227 -15.28 23.14 26.10
CA VAL A 227 -15.40 21.73 26.48
C VAL A 227 -14.09 20.96 26.46
N SER A 228 -13.19 21.25 25.50
CA SER A 228 -11.92 20.55 25.39
C SER A 228 -10.89 20.98 26.41
N ILE A 229 -11.00 22.22 26.92
CA ILE A 229 -9.97 22.85 27.74
C ILE A 229 -10.31 22.95 29.22
N ASN A 230 -11.60 23.15 29.60
CA ASN A 230 -11.93 23.67 30.93
C ASN A 230 -12.16 22.59 32.00
N ASP A 231 -11.14 21.74 32.23
CA ASP A 231 -11.09 20.83 33.36
C ASP A 231 -10.97 21.61 34.68
N PHE A 232 -11.68 21.13 35.73
CA PHE A 232 -11.48 21.58 37.09
C PHE A 232 -11.58 20.40 38.05
N GLY A 233 -11.31 19.16 37.60
CA GLY A 233 -11.37 17.97 38.47
C GLY A 233 -12.76 17.42 38.61
N VAL A 234 -13.04 16.73 39.73
CA VAL A 234 -14.34 16.09 39.95
C VAL A 234 -14.83 16.26 41.38
N LEU A 235 -16.16 16.11 41.58
CA LEU A 235 -16.70 15.81 42.90
C LEU A 235 -16.89 14.32 42.99
N ALA A 236 -16.46 13.70 44.10
CA ALA A 236 -16.80 12.34 44.42
C ALA A 236 -17.71 12.39 45.63
N VAL A 237 -18.89 11.74 45.58
CA VAL A 237 -19.85 11.78 46.66
C VAL A 237 -20.14 10.36 47.12
N ARG A 238 -20.17 10.11 48.44
CA ARG A 238 -20.49 8.79 48.96
C ARG A 238 -21.37 8.87 50.19
N ALA A 239 -22.02 7.74 50.53
CA ALA A 239 -22.44 7.46 51.89
C ALA A 239 -21.26 6.83 52.63
N VAL A 240 -21.05 7.19 53.91
CA VAL A 240 -19.90 6.76 54.69
C VAL A 240 -20.24 5.54 55.53
N ASN A 241 -21.54 5.30 55.79
CA ASN A 241 -22.01 4.10 56.45
C ASN A 241 -21.76 2.87 55.60
N ARG A 242 -21.83 1.66 56.20
CA ARG A 242 -21.68 0.43 55.44
C ARG A 242 -23.02 0.01 54.84
N SER A 243 -22.99 -1.00 53.97
CA SER A 243 -24.16 -1.63 53.41
C SER A 243 -25.04 -2.35 54.44
N ASN A 244 -26.34 -1.99 54.48
CA ASN A 244 -27.32 -2.57 55.39
C ASN A 244 -28.10 -3.70 54.69
N PRO A 245 -29.01 -4.45 55.35
CA PRO A 245 -29.74 -5.54 54.70
C PRO A 245 -30.64 -5.07 53.58
N HIS A 246 -31.28 -3.91 53.79
CA HIS A 246 -32.16 -3.24 52.88
C HIS A 246 -31.40 -2.20 52.09
N THR A 247 -31.71 -2.05 50.80
CA THR A 247 -31.08 -1.08 49.92
C THR A 247 -31.69 0.28 50.12
N ILE A 248 -30.88 1.34 50.28
CA ILE A 248 -31.37 2.71 50.35
C ILE A 248 -30.81 3.50 49.17
N HIS A 249 -31.59 4.41 48.58
CA HIS A 249 -31.16 5.24 47.46
C HIS A 249 -31.20 6.68 47.89
N THR A 250 -30.15 7.45 47.52
CA THR A 250 -30.05 8.86 47.88
C THR A 250 -29.82 9.69 46.66
N SER A 251 -30.58 10.79 46.54
CA SER A 251 -30.34 11.80 45.53
C SER A 251 -29.72 13.01 46.19
N VAL A 252 -28.57 13.49 45.70
CA VAL A 252 -27.96 14.73 46.15
C VAL A 252 -28.04 15.77 45.05
N ARG A 253 -28.50 17.00 45.40
CA ARG A 253 -28.61 18.11 44.48
C ARG A 253 -27.56 19.16 44.81
N VAL A 254 -26.86 19.64 43.78
CA VAL A 254 -25.83 20.67 43.89
C VAL A 254 -26.45 22.01 43.52
N TYR A 255 -26.38 23.01 44.42
CA TYR A 255 -26.86 24.35 44.14
C TYR A 255 -25.69 25.30 44.09
N MET A 256 -25.72 26.24 43.12
CA MET A 256 -24.69 27.24 42.95
C MET A 256 -25.27 28.64 42.94
N LYS A 257 -24.60 29.57 43.67
CA LYS A 257 -24.85 30.99 43.57
C LYS A 257 -23.52 31.69 43.30
N PRO A 258 -23.25 32.30 42.14
CA PRO A 258 -22.10 33.16 41.95
C PRO A 258 -22.29 34.52 42.61
N LYS A 259 -21.42 34.86 43.58
CA LYS A 259 -21.50 36.09 44.34
C LYS A 259 -20.18 36.84 44.19
N HIS A 260 -20.17 38.15 44.47
CA HIS A 260 -19.03 39.04 44.32
C HIS A 260 -18.72 39.22 42.83
N ILE A 261 -19.80 39.20 42.02
CA ILE A 261 -19.76 39.00 40.58
C ILE A 261 -19.63 40.27 39.76
N ARG A 262 -18.86 40.17 38.66
CA ARG A 262 -18.77 41.18 37.63
C ARG A 262 -18.57 40.46 36.30
N CYS A 263 -19.13 41.00 35.20
CA CYS A 263 -19.13 40.32 33.92
C CYS A 263 -18.79 41.28 32.80
N TRP A 264 -18.31 40.76 31.65
CA TRP A 264 -17.87 41.57 30.53
C TRP A 264 -18.43 41.03 29.24
N CYS A 265 -18.63 41.94 28.25
CA CYS A 265 -19.07 41.67 26.89
C CYS A 265 -20.43 41.02 26.81
N PRO A 266 -21.55 41.75 26.69
CA PRO A 266 -22.86 41.13 26.60
C PRO A 266 -23.03 40.41 25.28
N ARG A 267 -23.89 39.39 25.26
CA ARG A 267 -24.18 38.62 24.09
C ARG A 267 -25.66 38.27 24.13
N PRO A 268 -26.29 37.85 23.03
CA PRO A 268 -27.72 37.61 23.04
C PRO A 268 -28.08 36.39 23.87
N PRO A 269 -29.28 36.25 24.43
CA PRO A 269 -29.60 35.09 25.25
C PRO A 269 -29.72 33.84 24.39
N ARG A 270 -29.52 32.65 24.97
CA ARG A 270 -29.82 31.41 24.27
C ARG A 270 -31.28 31.33 23.85
N ALA A 271 -31.54 31.22 22.53
CA ALA A 271 -32.88 31.25 21.99
C ALA A 271 -33.47 29.85 21.86
N VAL A 272 -32.62 28.87 21.47
CA VAL A 272 -33.05 27.51 21.18
C VAL A 272 -32.56 26.52 22.22
N LEU A 273 -32.96 25.25 22.13
CA LEU A 273 -32.59 24.24 23.12
C LEU A 273 -31.08 23.92 23.13
N TYR A 274 -30.50 23.64 24.31
CA TYR A 274 -29.09 23.30 24.47
C TYR A 274 -28.80 21.83 24.16
N ARG A 275 -27.52 21.53 23.87
CA ARG A 275 -27.05 20.16 23.78
C ARG A 275 -25.72 20.00 24.52
N GLY A 276 -25.78 19.70 25.83
CA GLY A 276 -24.61 19.32 26.63
C GLY A 276 -23.67 20.45 27.00
N GLU A 277 -22.36 20.14 27.02
CA GLU A 277 -21.28 21.05 27.38
C GLU A 277 -21.13 22.21 26.42
N GLY A 278 -21.21 21.96 25.10
CA GLY A 278 -20.91 22.96 24.08
C GLY A 278 -21.98 23.98 23.83
N VAL A 279 -21.90 24.65 22.67
CA VAL A 279 -22.82 25.69 22.25
C VAL A 279 -23.87 25.10 21.31
N ASP A 280 -23.79 23.80 21.05
CA ASP A 280 -24.37 23.17 19.90
C ASP A 280 -25.90 23.06 19.89
N MET A 281 -26.47 22.85 18.68
CA MET A 281 -27.90 22.84 18.45
C MET A 281 -28.39 21.44 18.14
N ILE A 282 -29.71 21.30 17.89
CA ILE A 282 -30.35 20.06 17.46
C ILE A 282 -31.22 20.43 16.28
N SER A 283 -31.69 19.45 15.50
CA SER A 283 -32.51 19.67 14.31
C SER A 283 -33.95 19.96 14.66
N SER A 284 -34.54 19.19 15.60
CA SER A 284 -35.96 19.22 15.89
C SER A 284 -36.45 20.36 16.79
N ALA A 285 -35.62 21.36 17.12
CA ALA A 285 -36.08 22.51 17.90
C ALA A 285 -35.16 23.72 17.73
N ILE A 286 -35.35 24.47 16.64
CA ILE A 286 -34.65 25.71 16.31
C ILE A 286 -35.67 26.73 15.74
N SER B 10 -16.97 66.98 7.55
CA SER B 10 -18.22 66.15 7.43
C SER B 10 -18.04 64.91 8.27
N ASP B 11 -19.11 64.27 8.78
CA ASP B 11 -19.04 63.00 9.50
C ASP B 11 -18.81 61.85 8.49
N ARG B 12 -19.35 62.04 7.28
CA ARG B 12 -19.30 61.10 6.19
C ARG B 12 -17.90 60.90 5.62
N VAL B 13 -17.14 62.00 5.47
CA VAL B 13 -15.79 61.98 4.92
C VAL B 13 -14.79 61.63 6.00
N ARG B 14 -13.99 60.58 5.79
CA ARG B 14 -13.03 60.14 6.76
C ARG B 14 -11.81 59.53 6.09
N GLN B 15 -10.62 59.79 6.65
CA GLN B 15 -9.38 59.12 6.30
C GLN B 15 -8.93 58.32 7.51
N ILE B 16 -8.28 57.16 7.29
CA ILE B 16 -7.64 56.38 8.34
C ILE B 16 -6.28 55.96 7.83
N THR B 17 -5.19 56.16 8.60
CA THR B 17 -3.84 55.82 8.16
C THR B 17 -3.14 54.99 9.22
N LEU B 18 -2.57 53.83 8.83
CA LEU B 18 -1.78 52.98 9.69
C LEU B 18 -0.63 52.43 8.90
N GLY B 19 0.60 52.42 9.44
CA GLY B 19 1.80 51.99 8.72
C GLY B 19 2.04 52.76 7.45
N ASN B 20 2.14 52.04 6.31
CA ASN B 20 2.20 52.65 4.99
C ASN B 20 0.88 52.44 4.24
N SER B 21 -0.27 52.57 4.91
CA SER B 21 -1.54 52.26 4.30
C SER B 21 -2.61 53.20 4.75
N THR B 22 -3.48 53.63 3.82
CA THR B 22 -4.47 54.67 4.07
C THR B 22 -5.79 54.27 3.47
N ILE B 23 -6.87 54.33 4.27
CA ILE B 23 -8.24 54.15 3.83
C ILE B 23 -8.85 55.53 3.70
N THR B 24 -9.71 55.75 2.68
CA THR B 24 -10.48 56.97 2.54
C THR B 24 -11.92 56.56 2.32
N THR B 25 -12.88 57.40 2.72
CA THR B 25 -14.27 57.15 2.44
C THR B 25 -14.96 58.50 2.47
N GLN B 26 -15.93 58.71 1.57
CA GLN B 26 -16.66 59.98 1.47
C GLN B 26 -18.10 59.83 1.93
N GLU B 27 -18.59 58.57 2.08
CA GLU B 27 -19.95 58.30 2.51
C GLU B 27 -19.93 57.29 3.63
N ALA B 28 -19.13 57.49 4.70
CA ALA B 28 -19.26 56.69 5.89
C ALA B 28 -20.40 57.20 6.78
N ALA B 29 -20.68 56.50 7.88
CA ALA B 29 -21.63 56.92 8.87
C ALA B 29 -20.93 56.89 10.21
N ASN B 30 -20.03 57.88 10.45
CA ASN B 30 -19.17 57.93 11.61
C ASN B 30 -18.17 56.75 11.65
N ALA B 31 -17.58 56.48 12.83
CA ALA B 31 -16.86 55.25 13.10
C ALA B 31 -17.18 54.90 14.55
N ILE B 32 -17.04 53.63 14.94
CA ILE B 32 -17.36 53.21 16.29
C ILE B 32 -16.15 52.52 16.89
N VAL B 33 -15.94 52.76 18.20
CA VAL B 33 -14.91 52.16 18.99
C VAL B 33 -15.57 51.17 19.92
N ALA B 34 -15.24 49.87 19.81
CA ALA B 34 -15.89 48.81 20.52
C ALA B 34 -15.77 48.89 22.03
N TYR B 35 -16.93 48.92 22.72
CA TYR B 35 -17.04 49.06 24.17
C TYR B 35 -16.57 50.40 24.73
N GLY B 36 -16.14 51.32 23.84
CA GLY B 36 -15.61 52.64 24.21
C GLY B 36 -14.12 52.66 24.33
N GLU B 37 -13.46 51.48 24.27
CA GLU B 37 -12.05 51.36 24.58
C GLU B 37 -11.19 51.22 23.33
N TRP B 38 -10.07 51.96 23.30
CA TRP B 38 -9.16 51.95 22.16
C TRP B 38 -8.09 50.89 22.37
N PRO B 39 -7.40 50.36 21.36
CA PRO B 39 -6.27 49.46 21.60
C PRO B 39 -5.14 50.06 22.41
N THR B 40 -4.54 49.24 23.27
CA THR B 40 -3.56 49.61 24.28
C THR B 40 -2.65 48.41 24.35
N TYR B 41 -1.41 48.57 24.86
CA TYR B 41 -0.44 47.50 25.05
C TYR B 41 -0.67 46.81 26.39
N ILE B 42 0.18 45.83 26.78
CA ILE B 42 0.21 45.35 28.16
C ILE B 42 0.93 46.34 29.05
N ASN B 43 0.37 46.61 30.24
CA ASN B 43 0.97 47.51 31.19
C ASN B 43 1.79 46.68 32.14
N ASP B 44 2.94 47.17 32.67
CA ASP B 44 3.78 46.48 33.64
C ASP B 44 3.06 45.84 34.82
N SER B 45 1.98 46.48 35.30
CA SER B 45 1.11 45.97 36.35
C SER B 45 0.22 44.81 35.94
N GLU B 46 -0.10 44.68 34.64
CA GLU B 46 -0.96 43.66 34.10
C GLU B 46 -0.20 42.58 33.35
N ALA B 47 1.11 42.76 33.11
CA ALA B 47 1.89 41.83 32.34
C ALA B 47 1.96 40.42 32.92
N ASN B 48 2.10 39.41 32.04
CA ASN B 48 2.18 38.03 32.47
C ASN B 48 3.41 37.33 31.92
N PRO B 49 3.75 37.23 30.63
CA PRO B 49 5.02 36.65 30.22
C PRO B 49 6.16 37.57 30.60
N VAL B 50 7.30 37.02 31.06
CA VAL B 50 8.39 37.84 31.60
C VAL B 50 9.47 38.16 30.58
N ASP B 51 9.38 37.60 29.35
CA ASP B 51 10.28 37.91 28.28
C ASP B 51 9.98 39.30 27.70
N ALA B 52 10.96 39.96 27.07
CA ALA B 52 10.77 41.28 26.51
C ALA B 52 9.90 41.19 25.24
N PRO B 53 8.74 41.84 25.12
CA PRO B 53 7.85 41.55 23.99
C PRO B 53 8.38 42.04 22.65
N THR B 54 7.99 41.37 21.57
CA THR B 54 8.26 41.84 20.22
C THR B 54 7.10 42.68 19.78
N GLU B 55 7.29 44.01 19.62
CA GLU B 55 6.28 44.92 19.13
C GLU B 55 6.60 45.31 17.68
N PRO B 56 5.92 44.83 16.63
CA PRO B 56 6.39 45.07 15.27
C PRO B 56 6.14 46.45 14.70
N ASP B 57 5.27 47.25 15.34
CA ASP B 57 4.84 48.55 14.87
C ASP B 57 4.36 48.57 13.39
N VAL B 58 4.84 49.53 12.56
CA VAL B 58 4.46 49.75 11.16
C VAL B 58 4.60 48.56 10.23
N SER B 59 5.45 47.56 10.56
CA SER B 59 5.64 46.40 9.70
C SER B 59 4.38 45.56 9.61
N SER B 60 3.73 45.38 10.78
CA SER B 60 2.59 44.51 10.94
C SER B 60 1.31 45.27 11.12
N ASN B 61 1.33 46.42 11.84
CA ASN B 61 0.16 47.21 12.15
C ASN B 61 -0.23 48.12 11.01
N ARG B 62 -0.90 47.55 9.99
CA ARG B 62 -1.20 48.22 8.75
C ARG B 62 -2.36 47.53 8.09
N PHE B 63 -3.03 48.17 7.12
CA PHE B 63 -4.17 47.61 6.44
C PHE B 63 -3.82 46.50 5.46
N TYR B 64 -4.42 45.33 5.72
CA TYR B 64 -4.38 44.16 4.89
C TYR B 64 -5.78 43.96 4.35
N THR B 65 -5.92 43.84 3.03
CA THR B 65 -7.22 43.75 2.36
C THR B 65 -7.45 42.33 1.96
N LEU B 66 -8.57 41.74 2.42
CA LEU B 66 -8.92 40.37 2.09
C LEU B 66 -9.55 40.29 0.70
N GLU B 67 -9.49 39.11 0.04
CA GLU B 67 -10.26 38.81 -1.17
C GLU B 67 -11.73 39.22 -1.07
N SER B 68 -12.21 40.05 -2.01
CA SER B 68 -13.58 40.54 -1.99
C SER B 68 -14.62 39.47 -2.25
N VAL B 69 -15.74 39.52 -1.52
CA VAL B 69 -16.85 38.60 -1.71
C VAL B 69 -17.92 39.31 -2.52
N SER B 70 -18.90 38.57 -3.04
CA SER B 70 -19.95 39.17 -3.87
C SER B 70 -21.30 39.03 -3.21
N TRP B 71 -21.98 40.17 -3.00
CA TRP B 71 -23.34 40.24 -2.54
C TRP B 71 -24.27 39.99 -3.70
N LYS B 72 -25.14 38.97 -3.60
CA LYS B 72 -26.18 38.67 -4.55
C LYS B 72 -27.49 38.65 -3.79
N THR B 73 -28.63 38.61 -4.49
CA THR B 73 -29.97 38.45 -3.90
C THR B 73 -30.11 37.18 -3.09
N THR B 74 -29.30 36.17 -3.46
CA THR B 74 -29.24 34.86 -2.85
C THR B 74 -28.38 34.84 -1.59
N SER B 75 -27.43 35.81 -1.45
CA SER B 75 -26.39 35.78 -0.44
C SER B 75 -26.92 35.87 0.97
N ARG B 76 -26.41 35.00 1.85
CA ARG B 76 -26.99 34.82 3.16
C ARG B 76 -26.17 35.42 4.27
N GLY B 77 -24.85 35.49 4.11
CA GLY B 77 -24.00 36.20 5.05
C GLY B 77 -22.62 35.68 4.95
N TRP B 78 -21.66 36.35 5.59
CA TRP B 78 -20.26 35.96 5.56
C TRP B 78 -19.67 36.06 6.96
N TRP B 79 -18.67 35.22 7.28
CA TRP B 79 -17.95 35.31 8.53
C TRP B 79 -16.45 35.10 8.38
N TRP B 80 -15.67 35.84 9.19
CA TRP B 80 -14.23 35.72 9.27
C TRP B 80 -13.85 35.71 10.74
N LYS B 81 -12.65 35.26 11.08
CA LYS B 81 -12.19 35.22 12.45
C LYS B 81 -10.86 35.96 12.57
N LEU B 82 -10.63 36.69 13.67
CA LEU B 82 -9.38 37.36 13.95
C LEU B 82 -8.65 36.61 15.05
N PRO B 83 -7.38 36.23 14.93
CA PRO B 83 -6.44 36.67 13.89
C PRO B 83 -6.39 35.74 12.68
N ASP B 84 -7.18 34.65 12.62
CA ASP B 84 -7.19 33.68 11.52
C ASP B 84 -7.16 34.31 10.12
N CYS B 85 -8.07 35.25 9.81
CA CYS B 85 -8.16 35.83 8.48
C CYS B 85 -6.99 36.74 8.11
N LEU B 86 -5.99 36.86 8.99
CA LEU B 86 -4.77 37.61 8.75
C LEU B 86 -3.53 36.76 8.94
N LYS B 87 -3.66 35.44 9.12
CA LYS B 87 -2.52 34.56 9.41
C LYS B 87 -1.48 34.46 8.30
N ASP B 88 -1.89 34.69 7.05
CA ASP B 88 -1.04 34.70 5.87
C ASP B 88 -0.65 36.13 5.50
N MET B 89 -1.19 37.14 6.22
CA MET B 89 -1.03 38.53 5.82
C MET B 89 0.30 39.14 6.23
N GLY B 90 1.23 39.11 5.25
CA GLY B 90 2.52 39.79 5.25
C GLY B 90 3.37 39.57 6.47
N MET B 91 3.78 40.67 7.12
CA MET B 91 4.68 40.59 8.25
C MET B 91 3.94 40.27 9.55
N PHE B 92 2.62 40.51 9.60
CA PHE B 92 1.78 40.15 10.74
C PHE B 92 1.78 38.64 10.94
N GLY B 93 1.47 37.87 9.88
CA GLY B 93 1.45 36.41 9.90
C GLY B 93 2.73 35.77 10.37
N GLN B 94 3.88 36.34 9.96
CA GLN B 94 5.19 35.91 10.44
C GLN B 94 5.36 36.09 11.94
N ASN B 95 5.12 37.31 12.46
CA ASN B 95 5.19 37.58 13.90
C ASN B 95 4.21 36.73 14.70
N MET B 96 2.97 36.57 14.22
CA MET B 96 1.98 35.67 14.79
C MET B 96 2.48 34.23 14.91
N TYR B 97 3.00 33.64 13.82
CA TYR B 97 3.40 32.26 13.79
C TYR B 97 4.79 31.94 14.32
N TYR B 98 5.71 32.90 14.42
CA TYR B 98 7.00 32.67 15.07
C TYR B 98 6.87 32.61 16.59
N HIS B 99 5.91 33.35 17.18
CA HIS B 99 5.75 33.41 18.62
C HIS B 99 4.67 32.47 19.15
N TYR B 100 4.78 32.08 20.43
CA TYR B 100 3.75 31.34 21.14
C TYR B 100 2.56 32.25 21.44
N LEU B 101 2.82 33.46 21.98
CA LEU B 101 1.79 34.33 22.47
C LEU B 101 1.69 35.57 21.61
N GLY B 102 0.46 36.07 21.37
CA GLY B 102 0.25 37.23 20.54
C GLY B 102 -0.97 38.00 20.93
N ARG B 103 -0.85 39.33 20.99
CA ARG B 103 -1.91 40.21 21.40
C ARG B 103 -2.14 41.23 20.30
N SER B 104 -3.40 41.65 20.07
CA SER B 104 -3.70 42.61 19.02
C SER B 104 -5.13 43.12 19.09
N GLY B 105 -5.33 44.45 18.92
CA GLY B 105 -6.64 44.99 18.57
C GLY B 105 -6.64 45.20 17.09
N TYR B 106 -7.75 45.67 16.49
CA TYR B 106 -7.81 45.83 15.05
C TYR B 106 -8.71 46.99 14.66
N THR B 107 -8.47 47.59 13.49
CA THR B 107 -9.41 48.47 12.81
C THR B 107 -9.99 47.69 11.66
N ILE B 108 -11.32 47.48 11.68
CA ILE B 108 -12.04 46.73 10.67
C ILE B 108 -12.72 47.73 9.75
N HIS B 109 -12.41 47.70 8.45
CA HIS B 109 -13.06 48.56 7.48
C HIS B 109 -13.75 47.74 6.40
N VAL B 110 -15.09 47.73 6.37
CA VAL B 110 -15.88 47.03 5.38
C VAL B 110 -16.33 48.03 4.33
N GLN B 111 -16.08 47.73 3.04
CA GLN B 111 -16.40 48.59 1.92
C GLN B 111 -17.42 47.93 1.02
N CYS B 112 -18.47 48.67 0.62
CA CYS B 112 -19.48 48.16 -0.29
C CYS B 112 -20.19 49.33 -0.95
N ASN B 113 -19.73 49.79 -2.12
CA ASN B 113 -20.38 50.86 -2.87
C ASN B 113 -21.36 50.30 -3.90
N ALA B 114 -22.50 51.01 -4.11
CA ALA B 114 -23.46 50.62 -5.12
C ALA B 114 -23.83 51.84 -5.96
N SER B 115 -25.12 52.18 -6.04
CA SER B 115 -25.55 53.42 -6.66
C SER B 115 -26.74 53.92 -5.88
N LYS B 116 -27.23 55.13 -6.22
CA LYS B 116 -28.38 55.74 -5.57
C LYS B 116 -29.70 55.08 -5.94
N PHE B 117 -29.66 54.11 -6.88
CA PHE B 117 -30.79 53.34 -7.33
C PHE B 117 -30.74 51.90 -6.84
N HIS B 118 -29.88 51.59 -5.85
CA HIS B 118 -29.81 50.28 -5.22
C HIS B 118 -30.41 50.32 -3.84
N GLN B 119 -30.87 49.16 -3.35
CA GLN B 119 -31.31 48.97 -2.00
C GLN B 119 -30.49 47.86 -1.37
N GLY B 120 -30.38 47.87 -0.04
CA GLY B 120 -29.72 46.80 0.70
C GLY B 120 -29.14 47.34 1.97
N ALA B 121 -29.03 46.50 3.00
CA ALA B 121 -28.47 46.92 4.26
C ALA B 121 -27.67 45.80 4.89
N LEU B 122 -26.35 45.95 5.00
CA LEU B 122 -25.48 44.95 5.61
C LEU B 122 -25.24 45.26 7.06
N GLY B 123 -25.58 44.33 7.97
CA GLY B 123 -25.23 44.47 9.38
C GLY B 123 -23.86 43.89 9.58
N VAL B 124 -22.87 44.75 9.89
CA VAL B 124 -21.50 44.37 10.13
C VAL B 124 -21.30 44.29 11.63
N PHE B 125 -21.15 43.07 12.17
CA PHE B 125 -21.05 42.86 13.59
C PHE B 125 -19.68 42.30 13.91
N LEU B 126 -19.07 42.77 15.01
CA LEU B 126 -17.89 42.15 15.56
C LEU B 126 -18.21 41.46 16.86
N ILE B 127 -18.12 40.13 16.86
CA ILE B 127 -18.52 39.29 17.97
C ILE B 127 -17.26 38.78 18.66
N PRO B 128 -16.98 39.06 19.94
CA PRO B 128 -15.90 38.39 20.65
C PRO B 128 -16.29 36.95 20.94
N GLU B 129 -15.31 36.02 20.90
CA GLU B 129 -15.45 34.58 21.00
C GLU B 129 -16.65 34.00 20.27
N PHE B 130 -16.50 33.87 18.94
CA PHE B 130 -17.59 33.58 18.04
C PHE B 130 -17.66 32.08 17.76
N VAL B 131 -18.00 31.32 18.83
CA VAL B 131 -18.16 29.88 18.81
C VAL B 131 -19.53 29.51 18.27
N MET B 132 -19.57 28.98 17.04
CA MET B 132 -20.79 28.47 16.44
C MET B 132 -20.91 26.98 16.69
N ALA B 133 -22.12 26.43 16.52
CA ALA B 133 -22.42 25.03 16.68
C ALA B 133 -21.86 24.18 15.56
N CYS B 134 -21.48 22.93 15.84
CA CYS B 134 -21.06 22.03 14.77
C CYS B 134 -22.25 21.42 14.05
N ASN B 135 -22.05 21.04 12.77
CA ASN B 135 -23.08 20.51 11.91
C ASN B 135 -23.29 19.01 12.10
N THR B 136 -23.48 18.57 13.36
CA THR B 136 -23.75 17.18 13.68
C THR B 136 -24.39 17.13 15.05
N GLU B 137 -25.45 16.31 15.23
CA GLU B 137 -26.20 16.20 16.46
C GLU B 137 -25.63 15.18 17.42
N SER B 138 -24.69 14.34 16.96
CA SER B 138 -23.99 13.39 17.82
C SER B 138 -22.88 14.09 18.59
N LYS B 139 -21.81 14.52 17.90
CA LYS B 139 -20.68 15.21 18.48
C LYS B 139 -21.02 16.66 18.82
N THR B 140 -20.36 17.25 19.83
CA THR B 140 -20.57 18.64 20.25
C THR B 140 -19.30 19.43 20.02
N SER B 141 -19.39 20.64 19.41
CA SER B 141 -18.30 21.57 19.20
C SER B 141 -17.12 20.96 18.46
N TYR B 142 -17.45 20.13 17.45
CA TYR B 142 -16.55 19.29 16.71
C TYR B 142 -16.16 19.96 15.40
N VAL B 143 -15.06 20.72 15.38
CA VAL B 143 -14.67 21.55 14.26
C VAL B 143 -13.18 21.38 13.99
N SER B 144 -12.77 21.01 12.75
CA SER B 144 -11.34 20.82 12.46
C SER B 144 -10.56 22.12 12.40
N TYR B 145 -9.21 22.05 12.41
CA TYR B 145 -8.38 23.23 12.30
C TYR B 145 -8.61 23.99 11.00
N ILE B 146 -8.79 23.27 9.87
CA ILE B 146 -9.14 23.84 8.58
C ILE B 146 -10.51 24.49 8.57
N ASN B 147 -11.53 23.79 9.10
CA ASN B 147 -12.91 24.25 9.06
C ASN B 147 -13.21 25.35 10.07
N ALA B 148 -12.45 25.43 11.18
CA ALA B 148 -12.54 26.51 12.14
C ALA B 148 -11.81 27.74 11.67
N ASN B 149 -10.63 27.54 11.06
CA ASN B 149 -9.72 28.57 10.63
C ASN B 149 -9.58 28.61 9.09
N PRO B 150 -10.53 29.09 8.30
CA PRO B 150 -10.41 29.10 6.84
C PRO B 150 -9.55 30.25 6.32
N GLY B 151 -9.18 31.23 7.15
CA GLY B 151 -8.32 32.33 6.73
C GLY B 151 -9.01 33.43 5.99
N GLU B 152 -8.32 33.98 4.98
CA GLU B 152 -8.73 35.12 4.17
C GLU B 152 -10.10 34.99 3.54
N ARG B 153 -10.42 33.76 3.09
CA ARG B 153 -11.71 33.41 2.52
C ARG B 153 -12.87 33.58 3.48
N GLY B 154 -12.71 33.07 4.71
CA GLY B 154 -13.80 33.03 5.66
C GLY B 154 -14.71 31.87 5.39
N GLY B 155 -15.93 31.96 5.89
CA GLY B 155 -16.98 31.03 5.56
C GLY B 155 -18.20 31.84 5.33
N GLU B 156 -19.24 31.21 4.75
CA GLU B 156 -20.50 31.86 4.51
C GLU B 156 -21.56 31.36 5.46
N PHE B 157 -22.68 32.09 5.55
CA PHE B 157 -23.87 31.65 6.27
C PHE B 157 -24.82 30.97 5.29
N THR B 158 -25.71 30.12 5.84
CA THR B 158 -26.78 29.44 5.12
C THR B 158 -28.02 29.67 5.94
N ASN B 159 -29.23 29.44 5.36
CA ASN B 159 -30.49 29.55 6.08
C ASN B 159 -31.06 28.18 6.40
N THR B 160 -30.24 27.12 6.27
CA THR B 160 -30.64 25.73 6.45
C THR B 160 -29.73 25.02 7.43
N TYR B 161 -30.26 24.04 8.21
CA TYR B 161 -29.50 23.27 9.18
C TYR B 161 -29.52 21.82 8.72
N ASN B 162 -28.37 21.28 8.26
CA ASN B 162 -28.34 19.99 7.58
C ASN B 162 -27.33 19.05 8.25
N PRO B 163 -27.58 18.49 9.43
CA PRO B 163 -26.53 17.92 10.25
C PRO B 163 -26.09 16.52 9.82
N SER B 164 -24.78 16.30 9.62
CA SER B 164 -24.24 15.01 9.22
C SER B 164 -23.97 14.14 10.43
N ASN B 165 -25.06 13.66 11.07
CA ASN B 165 -25.07 12.98 12.36
C ASN B 165 -24.15 11.78 12.52
N THR B 166 -23.89 11.03 11.45
CA THR B 166 -23.02 9.86 11.46
C THR B 166 -21.54 10.18 11.27
N ASP B 167 -21.22 11.19 10.43
CA ASP B 167 -19.95 11.26 9.74
C ASP B 167 -19.00 12.38 10.21
N ALA B 168 -17.72 12.27 9.76
CA ALA B 168 -16.62 13.15 10.10
C ALA B 168 -16.18 14.08 8.96
N SER B 169 -16.91 14.15 7.83
CA SER B 169 -16.66 15.15 6.79
C SER B 169 -17.38 16.46 7.08
N GLU B 170 -18.60 16.63 6.54
CA GLU B 170 -19.42 17.82 6.68
C GLU B 170 -20.05 17.99 8.05
N GLY B 171 -19.84 17.01 8.94
CA GLY B 171 -20.19 17.12 10.36
C GLY B 171 -19.11 17.74 11.19
N ARG B 172 -17.90 17.90 10.63
CA ARG B 172 -16.72 18.39 11.31
C ARG B 172 -16.49 19.88 11.02
N LYS B 173 -17.58 20.67 10.93
CA LYS B 173 -17.54 22.07 10.63
C LYS B 173 -18.73 22.79 11.21
N PHE B 174 -18.73 24.13 11.15
CA PHE B 174 -19.78 24.96 11.71
C PHE B 174 -21.09 24.89 10.94
N ALA B 175 -22.21 24.77 11.67
CA ALA B 175 -23.53 24.94 11.13
C ALA B 175 -23.89 26.42 11.15
N ALA B 176 -23.35 27.20 10.18
CA ALA B 176 -23.49 28.64 10.11
C ALA B 176 -24.87 29.09 9.65
N LEU B 177 -25.86 28.93 10.55
CA LEU B 177 -27.26 29.23 10.32
C LEU B 177 -27.55 30.72 10.53
N ASP B 178 -27.95 31.46 9.47
CA ASP B 178 -28.13 32.90 9.43
C ASP B 178 -28.92 33.52 10.58
N TYR B 179 -30.21 33.15 10.68
CA TYR B 179 -31.17 33.69 11.63
C TYR B 179 -30.82 33.41 13.09
N LEU B 180 -29.96 32.39 13.34
CA LEU B 180 -29.48 32.03 14.65
C LEU B 180 -27.99 32.25 14.87
N LEU B 181 -27.30 33.01 13.98
CA LEU B 181 -25.86 33.28 14.01
C LEU B 181 -24.97 32.03 14.05
N GLY B 182 -25.48 30.85 13.62
CA GLY B 182 -24.88 29.54 13.85
C GLY B 182 -24.72 29.11 15.29
N SER B 183 -25.18 29.96 16.22
CA SER B 183 -24.80 29.93 17.63
C SER B 183 -25.99 29.55 18.49
N GLY B 184 -27.21 29.64 17.92
CA GLY B 184 -28.45 29.30 18.61
C GLY B 184 -29.05 30.46 19.32
N VAL B 185 -28.80 31.69 18.81
CA VAL B 185 -29.28 32.93 19.39
C VAL B 185 -29.82 33.76 18.25
N LEU B 186 -30.98 34.43 18.41
CA LEU B 186 -31.58 35.17 17.30
C LEU B 186 -30.73 36.34 16.83
N ALA B 187 -30.42 36.37 15.51
CA ALA B 187 -29.57 37.36 14.86
C ALA B 187 -30.11 38.78 14.94
N GLY B 188 -31.43 38.94 15.21
CA GLY B 188 -32.06 40.21 15.52
C GLY B 188 -31.53 40.90 16.76
N ASN B 189 -30.87 40.17 17.66
CA ASN B 189 -30.27 40.73 18.85
C ASN B 189 -28.75 40.86 18.72
N ALA B 190 -28.16 40.69 17.51
CA ALA B 190 -26.72 40.78 17.31
C ALA B 190 -26.14 42.18 17.56
N PHE B 191 -27.00 43.18 17.73
CA PHE B 191 -26.69 44.58 17.95
C PHE B 191 -26.17 44.88 19.36
N VAL B 192 -26.11 43.87 20.25
CA VAL B 192 -25.48 44.00 21.58
C VAL B 192 -23.96 43.93 21.51
N TYR B 193 -23.44 43.61 20.31
CA TYR B 193 -22.04 43.58 19.97
C TYR B 193 -21.64 44.90 19.32
N PRO B 194 -20.37 45.28 19.21
CA PRO B 194 -19.96 46.44 18.41
C PRO B 194 -20.26 46.23 16.92
N HIS B 195 -20.97 47.18 16.30
CA HIS B 195 -21.51 46.96 14.98
C HIS B 195 -21.70 48.26 14.22
N GLN B 196 -21.90 48.15 12.90
CA GLN B 196 -22.42 49.22 12.06
C GLN B 196 -23.32 48.58 11.03
N ILE B 197 -24.13 49.40 10.35
CA ILE B 197 -24.97 48.94 9.27
C ILE B 197 -24.53 49.68 8.02
N ILE B 198 -24.21 48.96 6.93
CA ILE B 198 -24.00 49.56 5.63
C ILE B 198 -25.31 49.56 4.89
N ASN B 199 -26.09 50.64 5.04
CA ASN B 199 -27.33 50.83 4.31
C ASN B 199 -26.99 51.63 3.07
N LEU B 200 -27.13 51.03 1.88
CA LEU B 200 -26.62 51.56 0.62
C LEU B 200 -27.15 52.93 0.23
N ARG B 201 -28.35 53.30 0.70
CA ARG B 201 -28.94 54.61 0.47
C ARG B 201 -28.43 55.68 1.43
N THR B 202 -27.56 55.31 2.39
CA THR B 202 -27.04 56.15 3.45
C THR B 202 -25.53 56.19 3.42
N ASN B 203 -24.87 55.02 3.36
CA ASN B 203 -23.43 54.90 3.50
C ASN B 203 -22.87 53.75 2.68
N ASN B 204 -21.56 53.82 2.34
CA ASN B 204 -20.88 52.77 1.58
C ASN B 204 -19.77 52.08 2.37
N SER B 205 -19.44 52.62 3.56
CA SER B 205 -18.38 52.09 4.42
C SER B 205 -18.91 51.80 5.80
N ALA B 206 -18.26 50.83 6.48
CA ALA B 206 -18.37 50.62 7.91
C ALA B 206 -16.98 50.58 8.51
N THR B 207 -16.75 51.28 9.64
CA THR B 207 -15.46 51.36 10.32
C THR B 207 -15.62 51.06 11.79
N ILE B 208 -15.10 49.91 12.24
CA ILE B 208 -15.17 49.49 13.63
C ILE B 208 -13.76 49.32 14.16
N VAL B 209 -13.37 50.09 15.19
CA VAL B 209 -12.11 49.91 15.89
C VAL B 209 -12.36 49.02 17.09
N VAL B 210 -11.57 47.95 17.25
CA VAL B 210 -11.80 46.93 18.25
C VAL B 210 -10.55 46.76 19.12
N PRO B 211 -10.59 46.75 20.46
CA PRO B 211 -9.43 46.43 21.29
C PRO B 211 -9.22 44.93 21.40
N TYR B 212 -8.17 44.52 22.12
CA TYR B 212 -7.97 43.13 22.49
C TYR B 212 -8.94 42.76 23.59
N VAL B 213 -9.72 41.68 23.41
CA VAL B 213 -10.69 41.25 24.40
C VAL B 213 -10.40 39.79 24.67
N ASN B 214 -10.27 39.42 25.95
CA ASN B 214 -10.07 38.05 26.35
C ASN B 214 -10.29 38.00 27.85
N SER B 215 -10.21 36.80 28.46
CA SER B 215 -10.14 36.61 29.90
C SER B 215 -8.70 36.61 30.37
N LEU B 216 -7.76 36.87 29.46
CA LEU B 216 -6.33 36.96 29.69
C LEU B 216 -5.79 38.24 29.11
N VAL B 217 -4.52 38.56 29.44
CA VAL B 217 -3.82 39.71 28.92
C VAL B 217 -3.39 39.48 27.48
N ILE B 218 -2.65 38.37 27.25
CA ILE B 218 -2.18 37.90 25.96
C ILE B 218 -2.61 36.44 25.88
N ASP B 219 -2.89 35.88 24.68
CA ASP B 219 -3.20 34.46 24.55
C ASP B 219 -2.38 33.94 23.37
N CYS B 220 -2.51 32.64 23.09
CA CYS B 220 -1.89 31.99 21.96
C CYS B 220 -2.79 32.12 20.74
N MET B 221 -2.37 32.93 19.76
CA MET B 221 -3.08 33.15 18.52
C MET B 221 -3.17 31.92 17.61
N ALA B 222 -2.30 30.91 17.82
CA ALA B 222 -2.40 29.63 17.13
C ALA B 222 -3.49 28.74 17.72
N LYS B 223 -3.92 29.02 18.97
CA LYS B 223 -5.09 28.41 19.59
C LYS B 223 -6.35 29.20 19.26
N HIS B 224 -6.37 30.50 19.63
CA HIS B 224 -7.59 31.26 19.87
C HIS B 224 -7.88 32.38 18.87
N ASN B 225 -9.11 32.40 18.33
CA ASN B 225 -9.65 33.54 17.62
C ASN B 225 -10.48 34.41 18.57
N ASN B 226 -9.95 35.58 18.97
CA ASN B 226 -10.62 36.47 19.89
C ASN B 226 -11.91 37.05 19.32
N TRP B 227 -11.88 37.52 18.06
CA TRP B 227 -13.02 38.18 17.44
C TRP B 227 -13.47 37.46 16.20
N GLY B 228 -14.78 37.53 15.91
CA GLY B 228 -15.38 37.07 14.68
C GLY B 228 -16.10 38.22 14.01
N ILE B 229 -15.83 38.43 12.72
CA ILE B 229 -16.50 39.43 11.91
C ILE B 229 -17.65 38.73 11.23
N VAL B 230 -18.88 39.22 11.37
CA VAL B 230 -20.02 38.65 10.66
C VAL B 230 -20.70 39.76 9.89
N ILE B 231 -21.09 39.48 8.64
CA ILE B 231 -21.80 40.45 7.81
C ILE B 231 -23.08 39.77 7.35
N LEU B 232 -24.25 40.25 7.80
CA LEU B 232 -25.54 39.69 7.39
C LEU B 232 -26.31 40.70 6.55
N PRO B 233 -26.93 40.37 5.42
CA PRO B 233 -27.89 41.24 4.75
C PRO B 233 -29.19 41.34 5.53
N LEU B 234 -29.39 42.44 6.26
CA LEU B 234 -30.59 42.71 7.03
C LEU B 234 -31.70 43.18 6.10
N ALA B 235 -31.34 44.00 5.11
CA ALA B 235 -32.21 44.30 3.98
C ALA B 235 -31.56 43.67 2.75
N PRO B 236 -32.24 42.90 1.90
CA PRO B 236 -31.60 42.23 0.77
C PRO B 236 -31.11 43.18 -0.30
N LEU B 237 -30.14 42.78 -1.12
CA LEU B 237 -29.67 43.57 -2.25
C LEU B 237 -30.70 43.58 -3.36
N ALA B 238 -31.06 44.79 -3.83
CA ALA B 238 -31.99 44.93 -4.93
C ALA B 238 -31.54 46.07 -5.81
N PHE B 239 -31.64 45.87 -7.13
CA PHE B 239 -31.43 46.91 -8.12
C PHE B 239 -32.68 46.84 -8.98
N ALA B 240 -33.16 48.00 -9.46
CA ALA B 240 -34.39 48.17 -10.21
C ALA B 240 -34.56 47.33 -11.47
N ALA B 241 -33.48 47.14 -12.26
CA ALA B 241 -33.53 46.40 -13.51
C ALA B 241 -33.46 44.88 -13.33
N THR B 242 -32.26 44.33 -13.10
CA THR B 242 -32.03 42.89 -13.11
C THR B 242 -32.52 42.20 -11.86
N SER B 243 -33.17 41.02 -11.98
CA SER B 243 -33.59 40.22 -10.84
C SER B 243 -32.46 39.43 -10.19
N SER B 244 -31.25 39.49 -10.77
CA SER B 244 -30.01 38.98 -10.20
C SER B 244 -28.95 40.06 -10.04
N PRO B 245 -29.03 41.08 -9.17
CA PRO B 245 -27.96 42.05 -9.04
C PRO B 245 -26.76 41.49 -8.31
N GLN B 246 -25.61 42.15 -8.43
CA GLN B 246 -24.42 41.72 -7.74
C GLN B 246 -23.54 42.92 -7.44
N VAL B 247 -23.11 43.07 -6.18
CA VAL B 247 -22.24 44.16 -5.74
C VAL B 247 -21.07 43.55 -4.98
N PRO B 248 -19.80 43.94 -5.16
CA PRO B 248 -18.69 43.45 -4.35
C PRO B 248 -18.70 43.99 -2.93
N ILE B 249 -18.34 43.16 -1.94
CA ILE B 249 -18.09 43.57 -0.56
C ILE B 249 -16.63 43.30 -0.28
N THR B 250 -15.87 44.32 0.16
CA THR B 250 -14.44 44.17 0.44
C THR B 250 -14.18 44.41 1.90
N VAL B 251 -13.40 43.54 2.55
CA VAL B 251 -13.05 43.64 3.96
C VAL B 251 -11.57 44.00 4.06
N THR B 252 -11.26 45.17 4.65
CA THR B 252 -9.87 45.56 4.89
C THR B 252 -9.64 45.65 6.38
N ILE B 253 -8.68 44.89 6.92
CA ILE B 253 -8.42 44.81 8.35
C ILE B 253 -7.03 45.34 8.64
N ALA B 254 -6.84 46.15 9.69
CA ALA B 254 -5.52 46.49 10.19
C ALA B 254 -5.37 46.10 11.64
N PRO B 255 -4.40 45.30 12.07
CA PRO B 255 -4.10 45.15 13.48
C PRO B 255 -3.42 46.38 14.08
N MET B 256 -3.46 46.49 15.41
CA MET B 256 -2.89 47.62 16.12
C MET B 256 -2.59 47.21 17.55
N CYS B 257 -1.52 47.81 18.12
CA CYS B 257 -0.94 47.45 19.40
C CYS B 257 -0.60 45.98 19.46
N THR B 258 0.15 45.51 18.45
CA THR B 258 0.56 44.12 18.34
C THR B 258 1.82 43.89 19.11
N GLU B 259 1.80 42.87 19.97
CA GLU B 259 2.93 42.52 20.79
C GLU B 259 2.91 41.03 20.95
N PHE B 260 4.10 40.40 21.03
CA PHE B 260 4.21 38.96 21.02
C PHE B 260 5.25 38.51 22.01
N ASN B 261 5.02 37.37 22.67
CA ASN B 261 5.94 36.79 23.63
C ASN B 261 6.19 35.34 23.27
N GLY B 262 7.33 34.79 23.73
CA GLY B 262 7.71 33.40 23.51
C GLY B 262 8.12 33.10 22.11
N LEU B 263 9.29 33.60 21.68
CA LEU B 263 9.85 33.33 20.39
C LEU B 263 10.41 31.91 20.30
N ARG B 264 10.20 31.23 19.16
CA ARG B 264 10.72 29.90 18.92
C ARG B 264 10.89 29.74 17.43
N ASN B 265 11.08 28.50 16.97
CA ASN B 265 10.78 28.10 15.61
C ASN B 265 9.33 28.38 15.20
N ILE B 266 9.08 28.51 13.88
CA ILE B 266 7.78 28.87 13.35
C ILE B 266 6.73 27.77 13.49
N THR B 267 5.50 28.16 13.89
CA THR B 267 4.33 27.30 13.91
C THR B 267 3.81 27.12 12.51
N VAL B 268 3.86 25.88 12.01
CA VAL B 268 3.13 25.46 10.83
C VAL B 268 2.07 24.46 11.30
N PRO B 269 0.79 24.80 11.32
CA PRO B 269 -0.25 23.88 11.76
C PRO B 269 -0.60 22.88 10.67
N VAL B 270 -1.56 21.97 10.95
CA VAL B 270 -2.10 21.08 9.93
C VAL B 270 -2.85 21.85 8.83
N HIS B 271 -2.73 21.36 7.59
CA HIS B 271 -2.98 22.16 6.41
C HIS B 271 -3.59 21.32 5.31
N GLN B 272 -3.84 21.97 4.16
CA GLN B 272 -4.21 21.40 2.89
C GLN B 272 -3.35 22.16 1.86
N MET C 43 6.64 25.83 52.29
CA MET C 43 6.85 24.88 51.13
C MET C 43 7.58 25.41 49.92
N MET C 44 7.33 26.65 49.43
CA MET C 44 8.02 27.18 48.26
C MET C 44 9.53 27.33 48.41
N GLU C 45 10.05 27.58 49.62
CA GLU C 45 11.46 27.49 49.96
C GLU C 45 12.13 26.20 49.51
N LEU C 46 11.42 25.07 49.69
CA LEU C 46 11.87 23.74 49.34
C LEU C 46 11.84 23.49 47.84
N ALA C 47 10.96 24.19 47.12
CA ALA C 47 10.86 24.14 45.68
C ALA C 47 12.01 24.91 44.99
N GLU C 48 12.61 25.89 45.70
CA GLU C 48 13.80 26.58 45.22
C GLU C 48 15.10 25.79 45.39
N ILE C 49 15.07 24.64 46.10
CA ILE C 49 16.26 23.81 46.30
C ILE C 49 16.51 22.96 45.05
N ASP C 50 17.75 22.98 44.50
CA ASP C 50 18.13 22.23 43.30
C ASP C 50 18.08 20.72 43.54
N THR C 51 17.10 20.02 42.89
CA THR C 51 16.99 18.56 42.99
C THR C 51 17.18 17.87 41.66
N LEU C 52 17.70 16.64 41.72
CA LEU C 52 18.23 15.90 40.61
C LEU C 52 17.14 15.24 39.76
N ILE C 53 17.17 15.46 38.42
CA ILE C 53 16.13 15.01 37.52
C ILE C 53 16.41 13.60 37.00
N PRO C 54 15.48 12.63 37.07
CA PRO C 54 15.60 11.33 36.40
C PRO C 54 15.54 11.38 34.87
N MET C 55 16.41 12.16 34.20
CA MET C 55 16.42 12.36 32.77
C MET C 55 16.56 11.08 31.97
N ASN C 56 17.55 10.25 32.33
CA ASN C 56 17.88 9.04 31.61
C ASN C 56 17.15 7.84 32.22
N ALA C 57 15.85 7.97 32.54
CA ALA C 57 15.06 6.89 33.09
C ALA C 57 14.51 5.96 31.99
N VAL C 58 15.41 5.48 31.12
CA VAL C 58 15.16 4.59 29.99
C VAL C 58 15.19 3.15 30.51
N ASP C 59 14.80 2.13 29.72
CA ASP C 59 14.85 0.73 30.12
C ASP C 59 16.24 0.28 30.60
N GLY C 60 16.28 -0.48 31.72
CA GLY C 60 17.52 -0.81 32.42
C GLY C 60 18.15 0.32 33.22
N LYS C 61 17.58 1.54 33.15
CA LYS C 61 18.08 2.72 33.83
C LYS C 61 17.06 3.29 34.81
N VAL C 62 15.74 3.07 34.56
CA VAL C 62 14.65 3.41 35.46
C VAL C 62 14.82 2.83 36.86
N ASN C 63 14.64 3.63 37.94
CA ASN C 63 14.63 3.16 39.32
C ASN C 63 15.98 2.64 39.81
N THR C 64 17.07 3.16 39.25
CA THR C 64 18.42 2.92 39.73
C THR C 64 19.13 4.24 39.61
N MET C 65 20.30 4.43 40.27
CA MET C 65 21.07 5.67 40.30
C MET C 65 21.47 6.17 38.92
N GLU C 66 21.65 5.23 37.98
CA GLU C 66 21.91 5.40 36.56
C GLU C 66 20.96 6.32 35.78
N MET C 67 19.72 6.55 36.28
CA MET C 67 18.76 7.46 35.66
C MET C 67 19.09 8.93 35.80
N TYR C 68 19.84 9.30 36.86
CA TYR C 68 20.23 10.67 37.14
C TYR C 68 21.42 11.10 36.27
N GLN C 69 22.11 10.12 35.66
CA GLN C 69 23.33 10.30 34.92
C GLN C 69 23.03 10.45 33.43
N ILE C 70 23.22 11.65 32.86
CA ILE C 70 22.92 11.93 31.46
C ILE C 70 24.10 11.53 30.58
N PRO C 71 24.00 10.65 29.57
CA PRO C 71 25.13 10.21 28.75
C PRO C 71 25.74 11.31 27.90
N LEU C 72 27.08 11.39 27.86
CA LEU C 72 27.81 12.29 27.00
C LEU C 72 29.03 11.56 26.46
N ASN C 73 29.49 11.91 25.24
CA ASN C 73 30.72 11.32 24.69
C ASN C 73 31.46 12.27 23.75
N ASP C 74 32.65 11.83 23.29
CA ASP C 74 33.58 12.48 22.37
C ASP C 74 33.01 12.65 20.95
N ASN C 75 32.21 11.67 20.48
CA ASN C 75 31.68 11.67 19.13
C ASN C 75 30.77 12.85 18.84
N LEU C 76 30.80 13.37 17.61
CA LEU C 76 29.96 14.47 17.20
C LEU C 76 28.66 13.97 16.59
N SER C 77 27.54 14.23 17.28
CA SER C 77 26.23 13.94 16.72
C SER C 77 25.54 15.27 16.45
N LYS C 78 24.36 15.22 15.81
CA LYS C 78 23.50 16.38 15.66
C LYS C 78 22.18 16.10 16.34
N ALA C 79 22.17 15.08 17.21
CA ALA C 79 20.97 14.58 17.85
C ALA C 79 20.79 15.26 19.21
N PRO C 80 19.61 15.24 19.81
CA PRO C 80 19.43 15.74 21.15
C PRO C 80 20.15 14.87 22.18
N ILE C 81 20.77 15.48 23.21
CA ILE C 81 21.33 14.76 24.34
C ILE C 81 20.18 14.30 25.23
N PHE C 82 19.19 15.18 25.45
CA PHE C 82 17.94 14.84 26.09
C PHE C 82 16.85 15.73 25.55
N CYS C 83 15.58 15.39 25.83
CA CYS C 83 14.44 16.27 25.62
C CYS C 83 13.55 16.21 26.86
N LEU C 84 12.69 17.23 27.06
CA LEU C 84 11.80 17.28 28.20
C LEU C 84 10.58 18.15 27.94
N SER C 85 9.36 17.59 28.04
CA SER C 85 8.11 18.34 28.17
C SER C 85 8.00 19.07 29.50
N LEU C 86 7.74 20.39 29.48
CA LEU C 86 7.56 21.19 30.69
C LEU C 86 6.17 20.97 31.31
N SER C 87 5.94 19.75 31.82
CA SER C 87 4.74 19.32 32.53
C SER C 87 5.15 18.92 33.94
N PRO C 88 5.52 19.79 34.89
CA PRO C 88 6.61 19.46 35.82
C PRO C 88 6.26 18.50 36.95
N ALA C 89 4.97 18.19 37.16
CA ALA C 89 4.54 17.25 38.17
C ALA C 89 3.99 15.98 37.55
N SER C 90 3.57 16.06 36.28
CA SER C 90 2.83 15.03 35.58
C SER C 90 3.66 14.37 34.48
N ASP C 91 4.97 14.66 34.46
CA ASP C 91 5.93 14.04 33.56
C ASP C 91 6.36 12.65 34.06
N LYS C 92 7.05 11.89 33.18
CA LYS C 92 7.68 10.63 33.52
C LYS C 92 8.96 10.79 34.34
N ARG C 93 9.69 11.91 34.14
CA ARG C 93 10.98 12.16 34.76
C ARG C 93 10.82 13.10 35.93
N LEU C 94 10.23 14.30 35.70
CA LEU C 94 10.18 15.37 36.67
C LEU C 94 9.33 15.12 37.91
N SER C 95 8.37 14.15 37.88
CA SER C 95 7.42 13.88 38.95
C SER C 95 8.04 13.73 40.32
N HIS C 96 8.97 12.77 40.51
CA HIS C 96 9.60 12.53 41.80
C HIS C 96 10.92 13.25 41.93
N THR C 97 10.91 14.55 41.55
CA THR C 97 11.88 15.54 41.99
C THR C 97 11.25 16.25 43.18
N MET C 98 11.99 17.10 43.91
CA MET C 98 11.39 17.82 45.03
C MET C 98 10.44 18.90 44.54
N LEU C 99 10.77 19.56 43.41
CA LEU C 99 9.88 20.48 42.74
C LEU C 99 8.59 19.81 42.26
N GLY C 100 8.70 18.69 41.51
CA GLY C 100 7.57 17.91 41.00
C GLY C 100 6.65 17.36 42.07
N GLU C 101 7.24 16.81 43.15
CA GLU C 101 6.51 16.37 44.33
C GLU C 101 5.69 17.47 44.95
N ILE C 102 6.31 18.59 45.41
CA ILE C 102 5.61 19.70 46.03
C ILE C 102 4.49 20.25 45.14
N LEU C 103 4.75 20.40 43.83
CA LEU C 103 3.75 20.74 42.85
C LEU C 103 2.54 19.79 42.82
N ASN C 104 2.72 18.47 42.93
CA ASN C 104 1.62 17.53 42.86
C ASN C 104 0.87 17.31 44.18
N TYR C 105 1.14 18.12 45.23
CA TYR C 105 0.20 18.30 46.34
C TYR C 105 -0.67 19.52 46.07
N TYR C 106 -0.38 20.29 45.00
CA TYR C 106 -1.14 21.45 44.60
C TYR C 106 -1.73 21.30 43.20
N THR C 107 -2.61 22.24 42.83
CA THR C 107 -3.38 22.17 41.60
C THR C 107 -2.84 23.10 40.54
N HIS C 108 -2.64 24.38 40.90
CA HIS C 108 -2.21 25.44 40.00
C HIS C 108 -0.81 25.91 40.33
N TRP C 109 -0.02 26.34 39.32
CA TRP C 109 1.30 26.93 39.55
C TRP C 109 1.66 28.04 38.56
N THR C 110 2.60 28.91 38.98
CA THR C 110 3.14 30.01 38.19
C THR C 110 4.60 30.12 38.53
N GLY C 111 5.49 30.59 37.61
CA GLY C 111 6.88 30.93 37.94
C GLY C 111 7.87 30.39 36.98
N SER C 112 9.12 30.90 37.05
CA SER C 112 10.18 30.50 36.16
C SER C 112 10.91 29.29 36.72
N ILE C 113 11.30 28.35 35.85
CA ILE C 113 11.97 27.12 36.26
C ILE C 113 13.44 27.27 35.96
N ARG C 114 14.31 26.94 36.92
CA ARG C 114 15.75 26.96 36.74
C ARG C 114 16.21 25.54 36.49
N PHE C 115 16.83 25.28 35.33
CA PHE C 115 17.43 23.99 35.03
C PHE C 115 18.93 24.16 35.12
N THR C 116 19.57 23.55 36.14
CA THR C 116 20.99 23.72 36.39
C THR C 116 21.69 22.44 36.06
N PHE C 117 22.76 22.47 35.24
CA PHE C 117 23.45 21.26 34.83
C PHE C 117 24.89 21.29 35.29
N LEU C 118 25.37 20.15 35.82
CA LEU C 118 26.72 19.95 36.29
C LEU C 118 27.41 18.91 35.41
N PHE C 119 28.46 19.32 34.67
CA PHE C 119 29.27 18.42 33.87
C PHE C 119 30.23 17.64 34.76
N CYS C 120 30.19 16.29 34.70
CA CYS C 120 30.98 15.44 35.58
C CYS C 120 31.98 14.63 34.77
N GLY C 121 32.58 15.24 33.74
CA GLY C 121 33.67 14.60 33.02
C GLY C 121 34.98 14.80 33.68
N SER C 122 36.06 14.43 32.98
CA SER C 122 37.40 14.74 33.42
C SER C 122 37.70 16.21 33.21
N MET C 123 38.63 16.79 34.00
CA MET C 123 39.08 18.17 33.86
C MET C 123 39.55 18.50 32.45
N MET C 124 40.20 17.51 31.82
CA MET C 124 40.81 17.62 30.52
C MET C 124 39.82 17.56 29.35
N ALA C 125 38.52 17.32 29.62
CA ALA C 125 37.50 17.26 28.59
C ALA C 125 36.89 18.64 28.35
N THR C 126 36.98 19.13 27.10
CA THR C 126 36.44 20.43 26.71
C THR C 126 35.13 20.22 25.99
N GLY C 127 34.33 21.27 25.74
CA GLY C 127 33.16 21.10 24.89
C GLY C 127 32.26 22.28 24.99
N LYS C 128 31.39 22.49 24.00
CA LYS C 128 30.37 23.51 24.09
C LYS C 128 29.05 22.87 23.81
N LEU C 129 28.05 23.11 24.68
CA LEU C 129 26.72 22.57 24.51
C LEU C 129 25.74 23.71 24.31
N LEU C 130 24.50 23.38 23.92
CA LEU C 130 23.41 24.33 23.80
C LEU C 130 22.25 23.77 24.58
N LEU C 131 21.72 24.53 25.56
CA LEU C 131 20.53 24.17 26.29
C LEU C 131 19.44 25.11 25.84
N SER C 132 18.22 24.59 25.59
CA SER C 132 17.13 25.43 25.10
C SER C 132 15.84 25.19 25.82
N TYR C 133 15.01 26.24 25.92
CA TYR C 133 13.60 26.17 26.24
C TYR C 133 12.86 26.79 25.09
N SER C 134 12.12 25.98 24.34
CA SER C 134 11.23 26.48 23.31
C SER C 134 9.85 26.50 23.91
N PRO C 135 9.12 27.61 24.04
CA PRO C 135 7.73 27.57 24.47
C PRO C 135 6.87 26.83 23.44
N PRO C 136 5.66 26.42 23.72
CA PRO C 136 4.97 25.39 22.94
C PRO C 136 4.27 25.94 21.71
N GLY C 137 3.43 25.13 21.05
CA GLY C 137 2.58 25.57 19.94
C GLY C 137 3.20 25.57 18.58
N ALA C 138 4.47 25.13 18.43
CA ALA C 138 5.09 24.90 17.14
C ALA C 138 5.70 23.51 17.13
N LYS C 139 6.33 23.11 16.00
CA LYS C 139 6.91 21.79 15.83
C LYS C 139 8.02 21.53 16.87
N PRO C 140 8.09 20.39 17.59
CA PRO C 140 9.01 20.27 18.70
C PRO C 140 10.46 20.23 18.22
N PRO C 141 11.43 20.80 18.91
CA PRO C 141 12.78 20.98 18.37
C PRO C 141 13.56 19.67 18.31
N THR C 142 13.59 19.05 17.11
CA THR C 142 14.21 17.77 16.85
C THR C 142 15.66 17.93 16.48
N ASN C 143 16.01 19.04 15.81
CA ASN C 143 17.37 19.35 15.42
C ASN C 143 17.81 20.63 16.12
N ARG C 144 19.11 20.97 16.01
CA ARG C 144 19.67 22.09 16.71
C ARG C 144 19.26 23.46 16.17
N LYS C 145 19.01 23.58 14.86
CA LYS C 145 18.62 24.86 14.27
C LYS C 145 17.23 25.28 14.71
N ASP C 146 16.33 24.32 14.99
CA ASP C 146 15.02 24.59 15.54
C ASP C 146 15.11 25.10 16.98
N ALA C 147 15.87 24.40 17.84
CA ALA C 147 16.10 24.75 19.24
C ALA C 147 16.81 26.08 19.45
N MET C 148 17.77 26.41 18.56
CA MET C 148 18.46 27.68 18.50
C MET C 148 17.53 28.87 18.24
N LEU C 149 16.36 28.68 17.60
CA LEU C 149 15.44 29.78 17.37
C LEU C 149 14.58 30.15 18.57
N GLY C 150 14.73 29.47 19.73
CA GLY C 150 13.98 29.79 20.95
C GLY C 150 14.83 30.38 22.04
N THR C 151 14.41 30.24 23.31
CA THR C 151 15.20 30.71 24.44
C THR C 151 16.33 29.75 24.71
N HIS C 152 17.59 30.14 24.44
CA HIS C 152 18.69 29.21 24.56
C HIS C 152 19.92 29.84 25.18
N ILE C 153 20.87 29.00 25.61
CA ILE C 153 22.15 29.42 26.15
C ILE C 153 23.19 28.47 25.63
N ILE C 154 24.36 29.01 25.21
CA ILE C 154 25.51 28.21 24.81
C ILE C 154 26.39 28.08 26.03
N TRP C 155 26.48 26.86 26.57
CA TRP C 155 27.29 26.54 27.72
C TRP C 155 28.65 26.08 27.26
N ASP C 156 29.71 26.79 27.69
CA ASP C 156 31.09 26.40 27.50
C ASP C 156 31.55 25.61 28.71
N LEU C 157 32.04 24.36 28.52
CA LEU C 157 32.54 23.57 29.62
C LEU C 157 33.90 24.09 30.06
N GLY C 158 34.07 24.34 31.38
CA GLY C 158 35.34 24.89 31.84
C GLY C 158 35.46 24.79 33.32
N LEU C 159 36.15 25.75 33.95
CA LEU C 159 36.40 25.73 35.39
C LEU C 159 35.14 25.90 36.22
N GLN C 160 34.16 26.62 35.66
CA GLN C 160 32.82 26.71 36.21
C GLN C 160 32.06 25.47 35.79
N SER C 161 31.95 24.50 36.71
CA SER C 161 31.44 23.17 36.46
C SER C 161 29.97 23.12 36.13
N SER C 162 29.20 24.04 36.75
CA SER C 162 27.76 24.11 36.64
C SER C 162 27.33 25.27 35.79
N CYS C 163 26.22 25.10 35.05
CA CYS C 163 25.63 26.16 34.27
C CYS C 163 24.12 26.04 34.36
N SER C 164 23.42 27.17 34.58
CA SER C 164 21.97 27.19 34.61
C SER C 164 21.39 27.72 33.32
N MET C 165 20.28 27.10 32.88
CA MET C 165 19.42 27.60 31.84
C MET C 165 18.09 27.86 32.52
N VAL C 166 17.57 29.09 32.45
CA VAL C 166 16.27 29.40 33.05
C VAL C 166 15.23 29.27 31.98
N ALA C 167 14.11 28.60 32.29
CA ALA C 167 12.91 28.62 31.49
C ALA C 167 12.07 29.78 32.02
N PRO C 168 11.97 30.94 31.35
CA PRO C 168 11.22 32.06 31.88
C PRO C 168 9.75 31.73 31.89
N TRP C 169 8.96 32.30 32.82
CA TRP C 169 7.53 32.13 32.78
C TRP C 169 6.92 32.81 31.56
N ILE C 170 6.68 32.01 30.51
CA ILE C 170 6.02 32.44 29.31
C ILE C 170 4.72 31.66 29.21
N SER C 171 3.57 32.34 29.38
CA SER C 171 2.29 31.68 29.43
C SER C 171 1.21 32.57 28.90
N ASN C 172 0.11 31.97 28.44
CA ASN C 172 -1.13 32.67 28.16
C ASN C 172 -1.91 32.81 29.45
N THR C 173 -2.19 31.69 30.14
CA THR C 173 -2.87 31.72 31.42
C THR C 173 -1.93 32.07 32.55
N VAL C 174 -2.40 32.89 33.52
CA VAL C 174 -1.58 33.35 34.63
C VAL C 174 -1.13 32.22 35.55
N TYR C 175 -1.96 31.16 35.70
CA TYR C 175 -1.56 29.93 36.33
C TYR C 175 -1.63 28.80 35.31
N ARG C 176 -0.76 27.79 35.43
CA ARG C 176 -0.78 26.55 34.68
C ARG C 176 -1.29 25.43 35.58
N ARG C 177 -1.72 24.30 34.98
CA ARG C 177 -2.03 23.09 35.71
C ARG C 177 -0.78 22.32 36.13
N CYS C 178 -0.81 21.67 37.30
CA CYS C 178 0.19 20.67 37.68
C CYS C 178 -0.06 19.35 36.96
N ALA C 179 -1.35 19.04 36.71
CA ALA C 179 -1.78 17.97 35.83
C ALA C 179 -1.45 18.28 34.37
N ARG C 180 -1.42 17.28 33.47
CA ARG C 180 -0.95 17.55 32.12
C ARG C 180 -2.03 18.21 31.28
N ASP C 181 -1.69 19.32 30.60
CA ASP C 181 -2.67 20.12 29.90
C ASP C 181 -2.30 20.30 28.44
N ASP C 182 -3.36 20.36 27.62
CA ASP C 182 -3.38 20.71 26.24
C ASP C 182 -3.71 22.20 26.12
N PHE C 183 -4.46 22.76 27.09
CA PHE C 183 -4.76 24.17 27.14
C PHE C 183 -3.56 24.96 27.62
N THR C 184 -3.18 24.88 28.91
CA THR C 184 -2.08 25.66 29.47
C THR C 184 -0.71 25.02 29.19
N GLU C 185 -0.37 24.80 27.89
CA GLU C 185 0.81 24.11 27.42
C GLU C 185 2.12 24.66 28.00
N GLY C 186 3.09 23.76 28.31
CA GLY C 186 4.33 24.12 28.97
C GLY C 186 5.44 24.57 28.05
N GLY C 187 5.90 23.67 27.17
CA GLY C 187 7.00 23.92 26.24
C GLY C 187 8.00 22.80 26.29
N PHE C 188 9.07 22.92 25.50
CA PHE C 188 10.03 21.85 25.28
C PHE C 188 11.42 22.29 25.69
N ILE C 189 12.09 21.52 26.56
CA ILE C 189 13.47 21.73 26.94
C ILE C 189 14.32 20.75 26.15
N THR C 190 15.43 21.19 25.51
CA THR C 190 16.35 20.26 24.83
C THR C 190 17.78 20.60 25.15
N CYS C 191 18.69 19.71 24.70
CA CYS C 191 20.11 19.97 24.71
C CYS C 191 20.71 19.49 23.41
N PHE C 192 21.68 20.24 22.86
CA PHE C 192 22.43 19.86 21.69
C PHE C 192 23.91 20.11 21.92
N TYR C 193 24.76 19.54 21.05
CA TYR C 193 26.16 19.88 20.98
C TYR C 193 26.33 21.12 20.11
N GLN C 194 27.14 22.10 20.57
CA GLN C 194 27.51 23.24 19.76
C GLN C 194 28.68 22.89 18.88
N THR C 195 29.72 22.35 19.51
CA THR C 195 30.89 21.79 18.84
C THR C 195 30.82 20.29 19.01
N ARG C 196 31.66 19.72 19.88
CA ARG C 196 31.56 18.37 20.35
C ARG C 196 32.29 18.39 21.67
N ILE C 197 32.19 17.34 22.51
CA ILE C 197 33.09 17.22 23.65
C ILE C 197 34.40 16.70 23.09
N VAL C 198 35.53 17.28 23.49
CA VAL C 198 36.84 16.90 22.99
C VAL C 198 37.71 16.51 24.14
N VAL C 199 38.22 15.27 24.12
CA VAL C 199 39.20 14.78 25.07
C VAL C 199 40.55 14.59 24.36
N PRO C 200 41.71 14.68 25.02
CA PRO C 200 42.99 14.33 24.43
C PRO C 200 43.35 12.89 24.74
N ALA C 201 44.66 12.56 24.61
CA ALA C 201 45.25 11.29 24.96
C ALA C 201 44.92 10.79 26.37
N SER C 202 44.71 9.47 26.51
CA SER C 202 44.53 8.76 27.78
C SER C 202 43.37 9.23 28.64
N THR C 203 42.33 9.81 28.03
CA THR C 203 41.26 10.48 28.76
C THR C 203 39.95 9.72 28.57
N PRO C 204 39.05 9.63 29.56
CA PRO C 204 37.74 9.00 29.38
C PRO C 204 36.86 9.61 28.29
N THR C 205 36.65 8.86 27.19
CA THR C 205 35.91 9.26 25.99
C THR C 205 34.42 9.40 26.19
N SER C 206 33.87 8.94 27.32
CA SER C 206 32.46 9.00 27.62
C SER C 206 32.33 9.32 29.08
N MET C 207 31.31 10.11 29.44
CA MET C 207 31.12 10.59 30.79
C MET C 207 29.68 11.03 30.91
N PHE C 208 29.34 11.78 31.97
CA PHE C 208 27.97 12.18 32.19
C PHE C 208 27.87 13.62 32.61
N MET C 209 26.64 14.13 32.63
CA MET C 209 26.31 15.31 33.38
C MET C 209 25.13 15.01 34.26
N LEU C 210 24.93 15.86 35.27
CA LEU C 210 23.82 15.81 36.19
C LEU C 210 22.94 17.00 35.91
N GLY C 211 21.61 16.78 35.80
CA GLY C 211 20.65 17.84 35.54
C GLY C 211 19.76 18.03 36.74
N PHE C 212 19.75 19.25 37.29
CA PHE C 212 18.97 19.62 38.45
C PHE C 212 17.83 20.53 38.03
N VAL C 213 16.74 20.53 38.83
CA VAL C 213 15.63 21.45 38.65
C VAL C 213 15.32 22.15 39.96
N SER C 214 15.09 23.48 39.88
CA SER C 214 14.63 24.28 41.00
C SER C 214 13.68 25.35 40.49
N ALA C 215 12.88 25.93 41.40
CA ALA C 215 12.03 27.07 41.11
C ALA C 215 12.79 28.37 41.30
N CYS C 216 12.24 29.47 40.75
CA CYS C 216 12.77 30.82 40.90
C CYS C 216 11.94 31.63 41.89
N PRO C 217 12.36 32.79 42.38
CA PRO C 217 11.61 33.52 43.41
C PRO C 217 10.37 34.22 42.88
N ASP C 218 9.99 34.03 41.61
CA ASP C 218 8.74 34.45 41.04
C ASP C 218 7.67 33.36 41.20
N PHE C 219 8.08 32.16 41.66
CA PHE C 219 7.30 30.96 41.62
C PHE C 219 6.31 30.81 42.78
N SER C 220 5.08 30.40 42.43
CA SER C 220 4.03 30.20 43.41
C SER C 220 3.10 29.08 42.98
N VAL C 221 2.46 28.43 43.97
CA VAL C 221 1.47 27.38 43.76
C VAL C 221 0.18 27.75 44.48
N ARG C 222 -0.97 27.15 44.08
CA ARG C 222 -2.18 27.30 44.86
C ARG C 222 -3.15 26.14 44.68
N LEU C 223 -4.06 25.99 45.69
CA LEU C 223 -5.15 25.02 45.78
C LEU C 223 -4.68 23.59 46.07
N LEU C 224 -4.87 23.12 47.33
CA LEU C 224 -4.42 21.82 47.82
C LEU C 224 -5.20 20.63 47.25
N LYS C 225 -4.53 19.47 47.17
CA LYS C 225 -5.14 18.20 46.83
C LYS C 225 -4.23 17.10 47.38
N ASP C 226 -4.71 15.86 47.53
CA ASP C 226 -3.84 14.75 47.92
C ASP C 226 -3.00 14.31 46.71
N THR C 227 -1.77 13.79 46.93
CA THR C 227 -0.86 13.45 45.83
C THR C 227 -1.27 12.16 45.12
N PRO C 228 -1.20 12.02 43.79
CA PRO C 228 -1.47 10.76 43.10
C PRO C 228 -0.28 9.82 43.18
N HIS C 229 0.84 10.23 43.81
CA HIS C 229 2.05 9.44 43.86
C HIS C 229 1.94 8.29 44.85
N ILE C 230 1.37 8.53 46.05
CA ILE C 230 1.32 7.52 47.08
C ILE C 230 0.01 6.75 47.07
N SER C 231 0.12 5.43 47.28
CA SER C 231 -1.01 4.52 47.37
C SER C 231 -1.03 3.92 48.76
N GLN C 232 -2.14 3.28 49.16
CA GLN C 232 -2.25 2.69 50.47
C GLN C 232 -3.24 1.55 50.37
N SER C 233 -2.99 0.45 51.12
CA SER C 233 -3.87 -0.69 51.23
C SER C 233 -5.10 -0.35 52.03
N LYS C 234 -6.28 -0.58 51.44
CA LYS C 234 -7.58 -0.34 52.02
C LYS C 234 -7.86 -1.16 53.32
N LEU D 1 9.56 0.63 43.06
CA LEU D 1 9.82 1.28 41.79
C LEU D 1 8.94 2.51 41.63
N PRO D 2 9.33 3.74 42.01
CA PRO D 2 8.46 4.90 41.84
C PRO D 2 8.32 5.39 40.40
N LEU D 3 9.41 5.33 39.60
CA LEU D 3 9.46 6.07 38.35
C LEU D 3 9.05 5.27 37.13
N THR D 4 8.48 6.00 36.15
CA THR D 4 7.91 5.47 34.92
C THR D 4 8.99 5.28 33.87
N LYS D 5 8.90 4.21 33.05
CA LYS D 5 9.86 3.96 31.98
C LYS D 5 9.76 4.99 30.86
N VAL D 6 10.86 5.71 30.62
CA VAL D 6 10.99 6.65 29.52
C VAL D 6 11.44 5.87 28.29
N ASP D 7 10.97 6.33 27.12
CA ASP D 7 10.99 5.64 25.85
C ASP D 7 12.36 5.79 25.21
N SER D 8 12.79 7.05 25.04
CA SER D 8 14.17 7.40 24.76
C SER D 8 14.51 8.52 25.71
N ILE D 9 15.80 8.86 25.89
CA ILE D 9 16.17 10.09 26.59
C ILE D 9 15.78 11.32 25.76
N THR D 10 15.58 11.12 24.45
CA THR D 10 15.07 12.09 23.50
C THR D 10 13.55 12.08 23.39
N THR D 11 12.82 11.57 24.41
CA THR D 11 11.36 11.73 24.49
C THR D 11 11.05 13.16 24.90
N PHE D 12 10.11 13.86 24.24
CA PHE D 12 9.67 15.17 24.66
C PHE D 12 8.72 15.06 25.87
N LEU E 1 -33.76 15.67 33.62
CA LEU E 1 -32.46 15.04 33.55
C LEU E 1 -32.39 13.60 34.05
N ILE E 2 -31.67 12.77 33.25
CA ILE E 2 -31.46 11.33 33.34
C ILE E 2 -31.48 10.73 34.75
N GLY E 3 -30.58 11.17 35.63
CA GLY E 3 -30.35 10.52 36.91
C GLY E 3 -29.23 9.54 36.74
N ARG E 4 -29.52 8.24 36.95
CA ARG E 4 -28.53 7.16 36.95
C ARG E 4 -29.15 5.87 37.43
N THR E 5 -29.99 5.95 38.48
CA THR E 5 -30.60 4.81 39.19
C THR E 5 -29.59 4.06 40.09
N GLN F 1 -9.13 1.92 31.57
CA GLN F 1 -8.32 2.98 30.89
C GLN F 1 -8.25 2.68 29.41
N THR F 2 -7.25 3.20 28.68
CA THR F 2 -7.18 3.17 27.23
C THR F 2 -7.20 1.79 26.64
N SER F 3 -8.19 1.53 25.77
CA SER F 3 -8.49 0.20 25.27
C SER F 3 -8.73 0.29 23.79
N VAL F 4 -8.40 -0.75 23.01
CA VAL F 4 -8.55 -0.75 21.58
C VAL F 4 -9.20 -2.06 21.14
N SER F 5 -10.13 -2.01 20.15
CA SER F 5 -10.79 -3.21 19.67
C SER F 5 -11.06 -3.12 18.17
N PRO F 6 -10.61 -4.03 17.31
CA PRO F 6 -9.71 -5.14 17.61
C PRO F 6 -8.31 -4.63 17.90
N SER F 7 -7.50 -5.41 18.64
CA SER F 7 -6.11 -5.13 18.94
C SER F 7 -5.18 -5.74 17.90
N LYS F 8 -5.71 -6.67 17.10
CA LYS F 8 -5.00 -7.28 16.00
C LYS F 8 -6.01 -7.48 14.89
N VAL F 9 -5.71 -7.00 13.67
CA VAL F 9 -6.55 -7.21 12.51
C VAL F 9 -5.72 -7.76 11.38
N ILE F 10 -6.31 -8.58 10.50
CA ILE F 10 -5.70 -8.97 9.24
C ILE F 10 -6.69 -8.56 8.17
N LEU F 11 -6.24 -7.92 7.08
CA LEU F 11 -7.14 -7.44 6.05
C LEU F 11 -6.44 -7.52 4.71
N PRO F 12 -7.08 -7.49 3.55
CA PRO F 12 -6.38 -7.50 2.28
C PRO F 12 -5.70 -6.17 2.00
N ARG F 13 -4.64 -6.17 1.18
CA ARG F 13 -3.93 -4.98 0.78
C ARG F 13 -4.81 -3.97 0.04
N GLY F 14 -5.00 -2.78 0.65
CA GLY F 14 -5.83 -1.71 0.09
C GLY F 14 -7.18 -1.57 0.73
N GLY F 15 -7.55 -2.44 1.69
CA GLY F 15 -8.86 -2.36 2.33
C GLY F 15 -8.97 -1.31 3.40
N SER F 16 -10.21 -1.04 3.87
CA SER F 16 -10.45 -0.25 5.08
C SER F 16 -10.42 -1.14 6.30
N VAL F 17 -10.04 -0.57 7.46
CA VAL F 17 -10.04 -1.27 8.73
C VAL F 17 -10.84 -0.47 9.75
N LEU F 18 -11.66 -1.15 10.57
CA LEU F 18 -12.42 -0.55 11.64
C LEU F 18 -11.67 -0.73 12.95
N VAL F 19 -11.28 0.39 13.61
CA VAL F 19 -10.60 0.37 14.90
C VAL F 19 -11.44 1.13 15.91
N THR F 20 -11.89 0.45 16.97
CA THR F 20 -12.59 1.09 18.08
C THR F 20 -11.57 1.56 19.09
N CYS F 21 -11.55 2.87 19.40
CA CYS F 21 -10.73 3.43 20.45
C CYS F 21 -11.60 3.68 21.66
N SER F 22 -11.03 3.53 22.87
CA SER F 22 -11.81 3.72 24.08
C SER F 22 -10.90 4.12 25.21
N THR F 23 -11.44 4.76 26.27
CA THR F 23 -10.69 5.00 27.49
C THR F 23 -11.60 4.96 28.70
N SER F 24 -11.03 5.17 29.90
CA SER F 24 -11.77 5.20 31.14
C SER F 24 -11.14 6.21 32.06
N CYS F 25 -11.75 7.39 32.16
CA CYS F 25 -11.44 8.41 33.15
C CYS F 25 -12.66 9.30 33.14
N ASP F 26 -12.74 10.26 34.07
CA ASP F 26 -13.89 11.10 34.31
C ASP F 26 -14.07 12.15 33.22
N GLN F 27 -13.08 13.04 33.02
CA GLN F 27 -13.03 13.92 31.86
C GLN F 27 -11.92 13.51 30.89
N PRO F 28 -12.16 12.66 29.91
CA PRO F 28 -11.28 12.50 28.76
C PRO F 28 -11.43 13.69 27.81
N MET F 29 -10.42 14.58 27.78
CA MET F 29 -10.40 15.80 26.99
C MET F 29 -10.30 15.48 25.50
N LEU F 30 -9.37 14.59 25.13
CA LEU F 30 -9.15 14.20 23.75
C LEU F 30 -8.85 12.72 23.67
N LEU F 31 -9.71 11.93 22.98
CA LEU F 31 -9.37 10.61 22.50
C LEU F 31 -9.05 10.73 21.02
N GLY F 32 -7.86 10.24 20.59
CA GLY F 32 -7.40 10.37 19.21
C GLY F 32 -6.56 9.19 18.82
N ILE F 33 -6.39 8.91 17.51
CA ILE F 33 -5.61 7.78 17.03
C ILE F 33 -4.41 8.22 16.20
N GLU F 34 -3.38 7.43 16.43
CA GLU F 34 -2.10 7.54 15.77
C GLU F 34 -2.17 6.96 14.38
N THR F 35 -1.12 7.23 13.60
CA THR F 35 -1.13 6.75 12.25
C THR F 35 -0.96 7.87 11.25
N PRO F 36 -0.50 7.66 10.01
CA PRO F 36 -0.65 8.85 9.17
C PRO F 36 -1.53 8.56 7.97
N LEU F 37 -2.82 8.25 8.16
CA LEU F 37 -3.72 7.95 7.00
C LEU F 37 -5.12 8.65 7.12
N PRO F 38 -5.96 8.79 6.00
CA PRO F 38 -7.34 9.32 5.99
C PRO F 38 -8.22 8.47 6.92
N LYS F 39 -8.96 9.10 7.86
CA LYS F 39 -9.62 8.29 8.93
C LYS F 39 -11.04 8.68 9.38
N LYS F 40 -12.07 8.04 8.90
CA LYS F 40 -13.42 8.43 9.30
C LYS F 40 -13.74 8.15 10.79
N GLU F 41 -13.89 9.17 11.65
CA GLU F 41 -14.26 8.96 13.03
C GLU F 41 -15.77 9.05 13.23
N LEU F 42 -16.42 7.94 13.65
CA LEU F 42 -17.83 7.93 14.00
C LEU F 42 -17.97 8.36 15.46
N LEU F 43 -19.08 8.02 16.16
CA LEU F 43 -19.15 8.27 17.59
C LEU F 43 -19.97 7.19 18.26
N LEU F 44 -19.59 6.82 19.51
CA LEU F 44 -20.44 6.10 20.42
C LEU F 44 -20.51 7.00 21.67
N PRO F 45 -20.34 6.65 22.95
CA PRO F 45 -20.15 7.68 23.98
C PRO F 45 -18.87 8.52 23.91
N GLY F 46 -18.89 9.64 23.15
CA GLY F 46 -17.95 10.77 23.27
C GLY F 46 -16.48 10.46 23.09
N ASN F 47 -15.65 10.81 24.10
CA ASN F 47 -14.24 10.47 24.13
C ASN F 47 -14.00 9.18 24.89
N ASN F 48 -15.07 8.49 25.34
CA ASN F 48 -14.96 7.25 26.09
C ASN F 48 -15.04 6.06 25.14
N ARG F 49 -15.87 6.16 24.07
CA ARG F 49 -15.94 5.19 22.99
C ARG F 49 -15.99 5.90 21.62
N LYS F 50 -14.96 5.71 20.77
CA LYS F 50 -14.95 6.20 19.41
C LYS F 50 -14.67 5.05 18.45
N VAL F 51 -15.13 5.14 17.19
CA VAL F 51 -14.78 4.18 16.16
C VAL F 51 -14.14 4.92 15.01
N TYR F 52 -12.95 4.48 14.58
CA TYR F 52 -12.26 4.99 13.42
C TYR F 52 -12.33 3.96 12.31
N GLU F 53 -12.81 4.35 11.11
CA GLU F 53 -12.53 3.62 9.90
C GLU F 53 -11.28 4.23 9.29
N LEU F 54 -10.20 3.46 9.12
CA LEU F 54 -8.99 3.92 8.46
C LEU F 54 -8.93 3.29 7.08
N SER F 55 -8.93 4.11 6.02
CA SER F 55 -9.10 3.63 4.65
C SER F 55 -7.79 3.45 3.89
N ASN F 56 -7.70 2.36 3.10
CA ASN F 56 -6.59 2.06 2.19
C ASN F 56 -5.30 1.67 2.91
N VAL F 57 -5.32 0.54 3.63
CA VAL F 57 -4.13 0.03 4.30
C VAL F 57 -3.30 -0.79 3.32
N GLN F 58 -2.17 -0.23 2.84
CA GLN F 58 -1.32 -0.87 1.84
C GLN F 58 -0.21 -1.74 2.44
N GLU F 59 0.22 -1.47 3.68
CA GLU F 59 1.28 -2.18 4.34
C GLU F 59 0.96 -2.27 5.82
N ASP F 60 1.69 -3.12 6.57
CA ASP F 60 1.49 -3.34 7.99
C ASP F 60 1.69 -2.07 8.81
N SER F 61 0.73 -1.76 9.69
CA SER F 61 0.76 -0.51 10.42
C SER F 61 0.22 -0.77 11.81
N GLN F 62 0.48 0.10 12.80
CA GLN F 62 0.02 -0.19 14.14
C GLN F 62 -0.65 0.98 14.85
N PRO F 63 -1.79 1.53 14.47
CA PRO F 63 -2.32 2.78 15.02
C PRO F 63 -2.74 2.71 16.47
N MET F 64 -2.01 3.37 17.39
CA MET F 64 -2.41 3.47 18.77
C MET F 64 -3.38 4.59 19.07
N CYS F 65 -4.34 4.30 19.96
CA CYS F 65 -5.31 5.22 20.48
C CYS F 65 -4.72 5.90 21.69
N TYR F 66 -4.57 7.24 21.68
CA TYR F 66 -4.11 8.00 22.82
C TYR F 66 -5.28 8.71 23.46
N SER F 67 -5.34 8.73 24.81
CA SER F 67 -6.39 9.44 25.52
C SER F 67 -5.84 10.44 26.49
N ASN F 68 -6.11 11.74 26.27
CA ASN F 68 -5.72 12.80 27.16
C ASN F 68 -6.73 12.94 28.29
N CYS F 69 -6.49 12.26 29.42
CA CYS F 69 -7.12 12.58 30.69
C CYS F 69 -6.15 13.48 31.43
N PRO F 70 -6.49 14.48 32.24
CA PRO F 70 -5.51 15.40 32.83
C PRO F 70 -4.61 14.68 33.83
N ASP F 71 -5.16 13.68 34.52
CA ASP F 71 -4.48 12.85 35.49
C ASP F 71 -3.63 11.77 34.84
N GLY F 72 -3.83 11.45 33.54
CA GLY F 72 -3.12 10.32 32.95
C GLY F 72 -3.32 10.22 31.46
N GLN F 73 -2.27 10.54 30.68
CA GLN F 73 -2.31 10.40 29.23
C GLN F 73 -1.85 9.01 28.81
N SER F 74 -2.74 8.01 28.93
CA SER F 74 -2.45 6.62 28.57
C SER F 74 -2.86 6.30 27.14
N THR F 75 -2.27 5.21 26.59
CA THR F 75 -2.27 4.96 25.15
C THR F 75 -2.29 3.45 24.91
N ALA F 76 -3.09 2.94 23.94
CA ALA F 76 -3.17 1.52 23.64
C ALA F 76 -3.13 1.24 22.14
N LYS F 77 -2.41 0.18 21.69
CA LYS F 77 -2.06 -0.04 20.29
C LYS F 77 -2.74 -1.24 19.64
N THR F 78 -3.21 -1.10 18.38
CA THR F 78 -3.69 -2.20 17.54
C THR F 78 -2.71 -2.47 16.42
N PHE F 79 -2.55 -3.73 15.98
CA PHE F 79 -1.63 -4.19 14.95
C PHE F 79 -2.39 -4.62 13.70
N LEU F 80 -2.19 -3.93 12.58
CA LEU F 80 -2.84 -4.21 11.31
C LEU F 80 -1.86 -4.94 10.43
N THR F 81 -2.21 -6.15 9.97
CA THR F 81 -1.42 -6.94 9.02
C THR F 81 -2.14 -6.97 7.71
N VAL F 82 -1.48 -6.71 6.56
CA VAL F 82 -2.18 -6.80 5.24
C VAL F 82 -1.80 -8.09 4.42
N TYR F 83 -2.48 -8.58 3.32
CA TYR F 83 -1.91 -9.84 2.71
C TYR F 83 -1.63 -9.96 1.15
N TRP F 84 -0.51 -10.59 0.66
CA TRP F 84 -0.43 -10.67 -0.85
C TRP F 84 0.29 -11.92 -1.44
N THR F 85 -0.36 -12.59 -2.42
CA THR F 85 0.20 -13.81 -3.04
C THR F 85 1.40 -13.45 -3.91
N PRO F 86 2.29 -14.40 -4.19
CA PRO F 86 3.49 -14.16 -4.99
C PRO F 86 3.17 -13.49 -6.31
N GLU F 87 4.07 -12.62 -6.78
CA GLU F 87 3.85 -11.93 -8.05
C GLU F 87 4.33 -12.85 -9.19
N ARG F 88 5.07 -13.89 -8.85
CA ARG F 88 5.55 -14.81 -9.87
C ARG F 88 5.97 -16.13 -9.22
N VAL F 89 5.59 -17.24 -9.85
CA VAL F 89 5.92 -18.57 -9.36
C VAL F 89 6.24 -19.41 -10.59
N GLU F 90 7.52 -19.70 -10.80
CA GLU F 90 7.92 -20.51 -11.95
C GLU F 90 9.17 -21.35 -11.69
N LEU F 91 9.31 -22.43 -12.48
CA LEU F 91 10.46 -23.32 -12.41
C LEU F 91 11.56 -22.76 -13.32
N ALA F 92 12.80 -22.76 -12.85
CA ALA F 92 13.91 -22.27 -13.64
C ALA F 92 13.92 -23.06 -14.95
N PRO F 93 14.26 -22.39 -16.08
CA PRO F 93 14.31 -23.00 -17.41
C PRO F 93 15.21 -24.22 -17.43
N LEU F 94 14.66 -25.32 -17.92
CA LEU F 94 15.36 -26.60 -17.96
C LEU F 94 15.22 -27.24 -19.33
N PRO F 95 16.29 -27.87 -19.85
CA PRO F 95 16.19 -28.51 -21.17
C PRO F 95 15.05 -29.53 -21.17
N SER F 96 14.29 -29.58 -22.26
CA SER F 96 13.18 -30.53 -22.36
C SER F 96 13.66 -31.96 -22.49
N TRP F 97 14.75 -32.14 -23.24
CA TRP F 97 15.37 -33.43 -23.47
C TRP F 97 16.14 -33.85 -22.21
N GLN F 98 15.86 -35.05 -21.70
CA GLN F 98 16.55 -35.49 -20.47
C GLN F 98 17.01 -36.97 -20.46
N PRO F 99 18.32 -37.20 -20.27
CA PRO F 99 19.00 -38.50 -20.22
C PRO F 99 18.50 -39.47 -19.15
N VAL F 100 18.02 -40.64 -19.57
CA VAL F 100 17.52 -41.66 -18.64
C VAL F 100 18.65 -42.21 -17.77
N GLY F 101 18.39 -42.30 -16.47
CA GLY F 101 19.38 -42.81 -15.56
C GLY F 101 20.27 -41.73 -14.98
N LYS F 102 20.09 -40.49 -15.43
CA LYS F 102 20.88 -39.40 -14.89
C LYS F 102 20.03 -38.49 -14.00
N ASN F 103 20.71 -37.69 -13.19
CA ASN F 103 20.04 -36.79 -12.25
C ASN F 103 19.67 -35.45 -12.86
N LEU F 104 18.49 -34.96 -12.52
CA LEU F 104 18.01 -33.68 -13.00
C LEU F 104 17.64 -32.83 -11.79
N THR F 105 17.83 -31.52 -11.87
CA THR F 105 17.49 -30.67 -10.75
C THR F 105 16.40 -29.66 -11.08
N LEU F 106 15.38 -29.64 -10.23
CA LEU F 106 14.25 -28.75 -10.38
C LEU F 106 14.52 -27.59 -9.43
N ARG F 107 14.19 -26.39 -9.87
CA ARG F 107 14.42 -25.19 -9.06
C ARG F 107 13.25 -24.23 -9.23
N CYS F 108 12.47 -24.05 -8.17
CA CYS F 108 11.33 -23.12 -8.22
C CYS F 108 11.74 -21.75 -7.69
N GLN F 109 11.25 -20.71 -8.33
CA GLN F 109 11.53 -19.33 -7.89
C GLN F 109 10.21 -18.59 -7.63
N VAL F 110 10.08 -18.09 -6.41
CA VAL F 110 8.89 -17.39 -5.97
C VAL F 110 9.22 -15.93 -5.63
N GLU F 111 8.74 -15.01 -6.45
CA GLU F 111 9.03 -13.62 -6.17
C GLU F 111 7.89 -12.94 -5.40
N GLY F 112 8.22 -12.44 -4.22
CA GLY F 112 7.22 -11.79 -3.38
C GLY F 112 6.47 -12.75 -2.48
N GLY F 113 5.26 -12.36 -2.08
CA GLY F 113 4.43 -13.19 -1.22
C GLY F 113 4.65 -12.90 0.24
N ALA F 114 3.58 -12.49 0.92
CA ALA F 114 3.65 -12.16 2.36
C ALA F 114 2.29 -12.33 3.04
N PRO F 115 2.28 -12.60 4.36
CA PRO F 115 3.44 -12.75 5.23
C PRO F 115 4.26 -14.00 4.92
N ARG F 116 5.59 -13.85 4.85
CA ARG F 116 6.47 -14.99 4.53
C ARG F 116 6.36 -16.11 5.56
N ALA F 117 6.03 -15.76 6.79
CA ALA F 117 5.90 -16.76 7.87
C ALA F 117 4.78 -17.75 7.62
N ASN F 118 3.97 -17.53 6.59
CA ASN F 118 2.86 -18.45 6.31
C ASN F 118 2.87 -18.91 4.86
N LEU F 119 3.99 -18.67 4.17
CA LEU F 119 4.11 -19.04 2.76
C LEU F 119 5.01 -20.28 2.59
N THR F 120 4.49 -21.30 1.95
CA THR F 120 5.28 -22.48 1.72
C THR F 120 5.38 -22.72 0.24
N VAL F 121 6.57 -23.14 -0.20
CA VAL F 121 6.83 -23.46 -1.60
C VAL F 121 6.91 -24.99 -1.70
N VAL F 122 6.22 -25.56 -2.68
CA VAL F 122 6.26 -27.00 -2.86
C VAL F 122 6.52 -27.42 -4.31
N LEU F 123 7.33 -28.47 -4.48
CA LEU F 123 7.66 -29.00 -5.81
C LEU F 123 6.85 -30.28 -5.99
N LEU F 124 6.22 -30.44 -7.15
CA LEU F 124 5.39 -31.60 -7.42
C LEU F 124 5.72 -32.35 -8.73
N ARG F 125 5.48 -33.65 -8.70
CA ARG F 125 5.63 -34.53 -9.88
C ARG F 125 4.17 -34.90 -10.11
N GLY F 126 3.53 -34.25 -11.08
CA GLY F 126 2.13 -34.52 -11.32
C GLY F 126 1.38 -33.90 -10.15
N GLU F 127 0.65 -34.73 -9.41
CA GLU F 127 -0.10 -34.28 -8.25
C GLU F 127 0.56 -34.72 -6.95
N LYS F 128 1.74 -35.33 -7.05
CA LYS F 128 2.49 -35.82 -5.89
C LYS F 128 3.47 -34.77 -5.36
N GLU F 129 3.56 -34.66 -4.04
CA GLU F 129 4.45 -33.69 -3.44
C GLU F 129 5.86 -34.29 -3.27
N LEU F 130 6.86 -33.61 -3.84
CA LEU F 130 8.26 -34.04 -3.79
C LEU F 130 9.08 -33.35 -2.71
N LYS F 131 8.78 -32.07 -2.49
CA LYS F 131 9.49 -31.23 -1.55
C LYS F 131 8.54 -30.14 -1.06
N ARG F 132 8.72 -29.70 0.19
CA ARG F 132 7.94 -28.63 0.82
C ARG F 132 8.94 -27.86 1.66
N GLU F 133 8.86 -26.52 1.63
CA GLU F 133 9.79 -25.67 2.39
C GLU F 133 9.25 -24.27 2.66
N PRO F 134 9.56 -23.70 3.83
CA PRO F 134 9.08 -22.34 4.10
C PRO F 134 9.75 -21.43 3.05
N ALA F 135 9.04 -20.40 2.60
CA ALA F 135 9.61 -19.48 1.59
C ALA F 135 10.64 -18.55 2.24
N VAL F 136 11.90 -18.67 1.82
CA VAL F 136 12.94 -17.81 2.36
C VAL F 136 13.76 -17.15 1.23
N GLY F 137 14.16 -15.91 1.46
CA GLY F 137 14.94 -15.17 0.48
C GLY F 137 14.11 -14.52 -0.61
N GLU F 138 14.79 -13.81 -1.51
CA GLU F 138 14.10 -13.12 -2.60
C GLU F 138 14.92 -13.15 -3.87
N PRO F 139 14.47 -13.89 -4.89
CA PRO F 139 13.24 -14.70 -4.86
C PRO F 139 13.46 -15.94 -3.97
N ALA F 140 12.38 -16.46 -3.39
CA ALA F 140 12.47 -17.65 -2.53
C ALA F 140 12.66 -18.84 -3.48
N GLU F 141 13.80 -19.50 -3.37
CA GLU F 141 14.09 -20.64 -4.22
C GLU F 141 13.94 -21.94 -3.42
N VAL F 142 13.46 -22.98 -4.10
CA VAL F 142 13.32 -24.33 -3.53
C VAL F 142 13.78 -25.33 -4.61
N THR F 143 14.70 -26.22 -4.26
CA THR F 143 15.26 -27.18 -5.22
C THR F 143 15.21 -28.66 -4.78
N THR F 144 15.22 -29.56 -5.77
CA THR F 144 15.24 -31.00 -5.49
C THR F 144 15.77 -31.79 -6.70
N THR F 145 16.46 -32.89 -6.43
CA THR F 145 16.98 -33.72 -7.51
C THR F 145 15.94 -34.75 -7.83
N VAL F 146 15.92 -35.19 -9.08
CA VAL F 146 14.98 -36.18 -9.56
C VAL F 146 15.76 -37.14 -10.47
N LEU F 147 15.81 -38.41 -10.06
CA LEU F 147 16.49 -39.44 -10.83
C LEU F 147 15.62 -39.84 -12.01
N VAL F 148 16.00 -39.41 -13.20
CA VAL F 148 15.21 -39.71 -14.39
C VAL F 148 15.06 -41.20 -14.64
N ARG F 149 13.82 -41.68 -14.60
CA ARG F 149 13.48 -43.08 -14.85
C ARG F 149 12.64 -43.09 -16.12
N ARG F 150 12.39 -44.28 -16.68
CA ARG F 150 11.54 -44.35 -17.87
C ARG F 150 10.15 -44.06 -17.33
N ASP F 151 9.96 -44.34 -16.04
CA ASP F 151 8.72 -44.10 -15.31
C ASP F 151 8.39 -42.62 -15.53
N HIS F 152 9.42 -41.77 -15.48
CA HIS F 152 9.28 -40.34 -15.73
C HIS F 152 9.17 -40.21 -17.23
N HIS F 153 7.93 -40.13 -17.72
CA HIS F 153 7.67 -40.03 -19.15
C HIS F 153 7.06 -38.68 -19.49
N GLY F 154 5.74 -38.65 -19.64
CA GLY F 154 5.07 -37.41 -19.89
C GLY F 154 4.71 -36.82 -18.54
N ALA F 155 5.57 -37.06 -17.58
CA ALA F 155 5.39 -36.55 -16.24
C ALA F 155 5.59 -35.04 -16.28
N ASN F 156 4.56 -34.32 -15.88
CA ASN F 156 4.63 -32.89 -15.83
C ASN F 156 5.01 -32.53 -14.40
N PHE F 157 6.02 -31.67 -14.24
CA PHE F 157 6.41 -31.26 -12.89
C PHE F 157 5.99 -29.82 -12.70
N SER F 158 5.67 -29.44 -11.46
CA SER F 158 5.22 -28.07 -11.23
C SER F 158 5.63 -27.60 -9.84
N CYS F 159 5.43 -26.30 -9.61
CA CYS F 159 5.73 -25.67 -8.33
C CYS F 159 4.47 -24.96 -7.89
N ARG F 160 4.21 -25.00 -6.58
CA ARG F 160 3.01 -24.40 -6.01
C ARG F 160 3.38 -23.65 -4.75
N THR F 161 2.69 -22.57 -4.48
CA THR F 161 2.92 -21.83 -3.25
C THR F 161 1.62 -21.91 -2.47
N GLU F 162 1.74 -21.94 -1.14
CA GLU F 162 0.57 -21.98 -0.27
C GLU F 162 0.69 -20.84 0.75
N LEU F 163 -0.18 -19.85 0.64
CA LEU F 163 -0.18 -18.71 1.56
C LEU F 163 -1.30 -19.04 2.50
N ASP F 164 -0.96 -19.70 3.60
CA ASP F 164 -1.98 -20.16 4.52
C ASP F 164 -2.40 -19.16 5.59
N LEU F 165 -3.47 -18.42 5.32
CA LEU F 165 -3.95 -17.43 6.27
C LEU F 165 -5.12 -17.92 7.11
N ARG F 166 -5.45 -19.20 6.99
CA ARG F 166 -6.54 -19.77 7.78
C ARG F 166 -6.34 -19.51 9.27
N PRO F 167 -5.11 -19.64 9.79
CA PRO F 167 -5.02 -19.37 11.23
C PRO F 167 -5.27 -17.91 11.62
N GLN F 168 -5.41 -17.04 10.63
CA GLN F 168 -5.67 -15.62 10.85
C GLN F 168 -7.14 -15.32 10.60
N GLY F 169 -7.89 -16.33 10.17
CA GLY F 169 -9.30 -16.15 9.92
C GLY F 169 -9.67 -16.02 8.46
N LEU F 170 -8.69 -16.22 7.57
CA LEU F 170 -8.97 -16.11 6.13
C LEU F 170 -8.88 -17.50 5.49
N GLU F 171 -8.31 -17.58 4.31
CA GLU F 171 -8.20 -18.86 3.65
C GLU F 171 -6.80 -19.10 3.15
N LEU F 172 -6.61 -20.27 2.55
CA LEU F 172 -5.33 -20.64 1.98
C LEU F 172 -5.42 -20.19 0.55
N PHE F 173 -4.45 -19.40 0.10
CA PHE F 173 -4.41 -18.92 -1.27
C PHE F 173 -3.27 -19.68 -1.97
N GLU F 174 -3.59 -20.37 -3.06
CA GLU F 174 -2.57 -21.14 -3.79
C GLU F 174 -2.25 -20.52 -5.16
N ASN F 175 -1.03 -20.76 -5.63
CA ASN F 175 -0.60 -20.31 -6.94
C ASN F 175 0.22 -21.42 -7.58
N THR F 176 0.17 -21.55 -8.89
CA THR F 176 0.92 -22.60 -9.56
C THR F 176 1.66 -22.08 -10.78
N SER F 177 2.83 -22.66 -11.06
CA SER F 177 3.62 -22.25 -12.22
C SER F 177 3.16 -23.02 -13.45
N ALA F 178 3.79 -22.71 -14.58
CA ALA F 178 3.53 -23.46 -15.81
C ALA F 178 4.16 -24.84 -15.55
N PRO F 179 3.58 -25.91 -16.12
CA PRO F 179 4.19 -27.22 -15.86
C PRO F 179 5.43 -27.44 -16.73
N TYR F 180 6.25 -28.41 -16.34
CA TYR F 180 7.46 -28.76 -17.09
C TYR F 180 7.29 -30.20 -17.51
N GLN F 181 7.39 -30.48 -18.81
CA GLN F 181 7.26 -31.86 -19.30
C GLN F 181 8.62 -32.43 -19.59
N LEU F 182 8.87 -33.62 -19.06
CA LEU F 182 10.13 -34.31 -19.26
C LEU F 182 10.10 -35.13 -20.56
N GLN F 183 10.91 -34.73 -21.55
CA GLN F 183 10.98 -35.46 -22.81
C GLN F 183 12.31 -36.20 -22.78
N THR F 184 12.29 -37.51 -22.53
CA THR F 184 13.52 -38.30 -22.37
C THR F 184 13.85 -38.98 -23.66
N PHE F 185 14.62 -40.00 -23.59
CA PHE F 185 14.84 -40.67 -24.87
C PHE F 185 15.41 -42.03 -24.65
N VAL F 186 16.49 -42.16 -25.38
CA VAL F 186 17.42 -43.26 -25.47
C VAL F 186 17.31 -44.04 -26.73
N LEU F 187 18.47 -43.74 -27.30
CA LEU F 187 19.04 -44.09 -28.56
C LEU F 187 20.30 -44.94 -28.40
N PRO F 188 20.13 -46.25 -28.39
CA PRO F 188 21.20 -47.24 -28.30
C PRO F 188 22.26 -47.02 -29.36
N ALA F 189 23.50 -47.35 -29.01
CA ALA F 189 24.61 -47.17 -29.93
C ALA F 189 24.84 -48.35 -30.87
N THR F 190 23.91 -48.56 -31.79
CA THR F 190 24.04 -49.61 -32.81
C THR F 190 23.40 -49.04 -34.07
N PRO F 191 23.99 -49.31 -35.25
CA PRO F 191 23.47 -48.81 -36.53
C PRO F 191 22.11 -49.33 -36.90
N PRO F 192 21.30 -48.48 -37.55
CA PRO F 192 19.96 -48.91 -37.96
C PRO F 192 20.08 -49.94 -39.09
N GLN F 193 19.05 -50.79 -39.22
CA GLN F 193 19.05 -51.82 -40.25
C GLN F 193 18.73 -51.13 -41.57
N LEU F 194 19.55 -51.36 -42.57
CA LEU F 194 19.35 -50.72 -43.87
C LEU F 194 19.29 -51.74 -44.99
N VAL F 195 18.12 -51.84 -45.60
CA VAL F 195 17.94 -52.77 -46.70
C VAL F 195 17.86 -52.05 -48.02
N SER F 196 18.75 -52.43 -48.95
CA SER F 196 18.78 -51.81 -50.26
C SER F 196 19.53 -52.64 -51.29
N PRO F 197 19.13 -52.53 -52.57
CA PRO F 197 19.82 -53.29 -53.64
C PRO F 197 21.24 -52.75 -53.80
N ARG F 198 22.22 -53.65 -53.83
CA ARG F 198 23.62 -53.23 -53.94
C ARG F 198 23.92 -52.66 -55.35
N VAL F 199 22.94 -52.82 -56.24
CA VAL F 199 23.06 -52.38 -57.62
C VAL F 199 21.79 -51.71 -58.16
N LEU F 200 21.94 -50.67 -58.96
CA LEU F 200 20.78 -49.97 -59.50
C LEU F 200 21.05 -49.33 -60.85
N GLU F 201 20.16 -49.60 -61.80
CA GLU F 201 20.31 -49.09 -63.15
C GLU F 201 19.94 -47.62 -63.33
N VAL F 202 20.57 -46.98 -64.30
CA VAL F 202 20.31 -45.59 -64.65
C VAL F 202 18.87 -45.45 -65.16
N ASP F 203 18.24 -44.35 -64.81
CA ASP F 203 16.87 -44.05 -65.23
C ASP F 203 15.81 -45.02 -64.77
N THR F 204 16.09 -45.74 -63.69
CA THR F 204 15.09 -46.67 -63.13
C THR F 204 14.84 -46.28 -61.67
N GLN F 205 13.85 -46.89 -61.04
CA GLN F 205 13.55 -46.56 -59.66
C GLN F 205 13.96 -47.65 -58.68
N GLY F 206 14.44 -47.22 -57.51
CA GLY F 206 14.86 -48.14 -56.46
C GLY F 206 14.06 -47.94 -55.18
N THR F 207 14.22 -48.88 -54.24
CA THR F 207 13.52 -48.84 -52.95
C THR F 207 14.42 -49.15 -51.74
N VAL F 208 14.56 -48.17 -50.87
CA VAL F 208 15.38 -48.31 -49.67
C VAL F 208 14.47 -48.37 -48.45
N VAL F 209 14.86 -49.17 -47.46
CA VAL F 209 14.10 -49.31 -46.24
C VAL F 209 15.05 -49.29 -45.06
N CYS F 210 14.83 -48.34 -44.15
CA CYS F 210 15.64 -48.19 -42.97
C CYS F 210 14.76 -48.42 -41.75
N SER F 211 15.30 -49.08 -40.74
CA SER F 211 14.52 -49.36 -39.54
C SER F 211 15.41 -49.50 -38.32
N LEU F 212 14.82 -49.35 -37.15
CA LEU F 212 15.55 -49.46 -35.90
C LEU F 212 14.56 -49.55 -34.75
N ASP F 213 14.95 -50.25 -33.70
CA ASP F 213 14.11 -50.37 -32.51
C ASP F 213 14.89 -50.22 -31.20
N GLY F 214 14.16 -50.21 -30.10
CA GLY F 214 14.79 -50.05 -28.82
C GLY F 214 15.10 -48.59 -28.53
N LEU F 215 14.46 -47.69 -29.26
CA LEU F 215 14.67 -46.26 -29.05
C LEU F 215 13.38 -45.62 -28.55
N PHE F 216 13.53 -44.48 -27.87
CA PHE F 216 12.39 -43.79 -27.30
C PHE F 216 12.75 -42.32 -27.04
N PRO F 217 11.86 -41.38 -27.40
CA PRO F 217 10.54 -41.47 -28.04
C PRO F 217 10.67 -41.51 -29.55
N VAL F 218 10.42 -42.68 -30.13
CA VAL F 218 10.52 -42.88 -31.56
C VAL F 218 9.84 -41.81 -32.41
N SER F 219 8.70 -41.30 -31.95
CA SER F 219 7.96 -40.29 -32.71
C SER F 219 8.71 -38.99 -32.87
N GLU F 220 9.67 -38.72 -31.98
CA GLU F 220 10.43 -37.48 -32.04
C GLU F 220 11.74 -37.59 -32.81
N ALA F 221 12.19 -38.81 -33.09
CA ALA F 221 13.43 -39.03 -33.81
C ALA F 221 13.38 -38.56 -35.26
N GLN F 222 14.52 -38.07 -35.73
CA GLN F 222 14.67 -37.59 -37.10
C GLN F 222 15.39 -38.66 -37.90
N VAL F 223 14.81 -39.04 -39.04
CA VAL F 223 15.41 -40.09 -39.86
C VAL F 223 15.97 -39.48 -41.14
N HIS F 224 17.28 -39.59 -41.33
CA HIS F 224 17.94 -39.06 -42.52
C HIS F 224 18.36 -40.17 -43.46
N LEU F 225 17.71 -40.20 -44.62
CA LEU F 225 17.98 -41.20 -45.64
C LEU F 225 18.46 -40.46 -46.89
N ALA F 226 19.52 -40.96 -47.52
CA ALA F 226 20.05 -40.33 -48.75
C ALA F 226 21.07 -41.19 -49.48
N LEU F 227 21.08 -41.06 -50.80
CA LEU F 227 21.99 -41.79 -51.68
C LEU F 227 22.81 -40.76 -52.44
N GLY F 228 24.11 -40.71 -52.15
CA GLY F 228 24.94 -39.72 -52.82
C GLY F 228 24.52 -38.36 -52.31
N ASP F 229 24.39 -37.38 -53.21
CA ASP F 229 23.98 -36.03 -52.82
C ASP F 229 22.47 -35.84 -52.92
N GLN F 230 21.74 -36.96 -53.01
CA GLN F 230 20.29 -36.92 -53.15
C GLN F 230 19.55 -37.33 -51.87
N ARG F 231 19.02 -36.34 -51.14
CA ARG F 231 18.28 -36.58 -49.90
C ARG F 231 16.91 -37.16 -50.20
N LEU F 232 16.63 -38.33 -49.63
CA LEU F 232 15.37 -39.04 -49.84
C LEU F 232 14.22 -38.66 -48.93
N ASN F 233 12.99 -38.86 -49.42
CA ASN F 233 11.78 -38.58 -48.65
C ASN F 233 11.17 -39.91 -48.22
N PRO F 234 11.45 -40.34 -46.98
CA PRO F 234 10.90 -41.61 -46.51
C PRO F 234 9.51 -41.52 -45.92
N THR F 235 8.84 -42.67 -45.84
CA THR F 235 7.53 -42.76 -45.21
C THR F 235 7.79 -43.57 -43.95
N VAL F 236 7.86 -42.86 -42.83
CA VAL F 236 8.13 -43.48 -41.54
C VAL F 236 6.88 -44.12 -40.94
N THR F 237 7.03 -45.36 -40.51
CA THR F 237 5.96 -46.13 -39.91
C THR F 237 6.41 -46.49 -38.50
N TYR F 238 5.62 -46.12 -37.50
CA TYR F 238 6.01 -46.39 -36.13
C TYR F 238 5.44 -47.67 -35.52
N GLY F 239 6.10 -48.15 -34.45
CA GLY F 239 5.68 -49.34 -33.76
C GLY F 239 6.13 -49.33 -32.31
N ASN F 240 6.10 -50.49 -31.67
CA ASN F 240 6.50 -50.68 -30.26
C ASN F 240 7.93 -50.17 -30.07
N ASP F 241 8.10 -48.88 -29.81
CA ASP F 241 9.46 -48.30 -29.63
C ASP F 241 10.33 -48.61 -30.83
N SER F 242 9.75 -48.51 -32.02
CA SER F 242 10.46 -48.82 -33.25
C SER F 242 9.92 -48.08 -34.45
N PHE F 243 10.70 -48.08 -35.52
CA PHE F 243 10.28 -47.42 -36.75
C PHE F 243 10.85 -48.11 -37.97
N SER F 244 10.18 -47.90 -39.09
CA SER F 244 10.58 -48.42 -40.38
C SER F 244 10.35 -47.30 -41.38
N ALA F 245 11.42 -46.85 -42.00
CA ALA F 245 11.33 -45.78 -42.99
C ALA F 245 11.58 -46.33 -44.39
N LYS F 246 10.58 -46.19 -45.28
CA LYS F 246 10.70 -46.66 -46.66
C LYS F 246 10.79 -45.48 -47.59
N ALA F 247 11.63 -45.58 -48.61
CA ALA F 247 11.81 -44.51 -49.57
C ALA F 247 12.19 -45.02 -50.95
N SER F 248 11.74 -44.31 -51.97
CA SER F 248 12.04 -44.65 -53.35
C SER F 248 13.15 -43.73 -53.84
N VAL F 249 13.94 -44.20 -54.79
CA VAL F 249 15.02 -43.38 -55.31
C VAL F 249 15.17 -43.61 -56.80
N SER F 250 15.35 -42.51 -57.52
CA SER F 250 15.54 -42.58 -58.95
C SER F 250 16.92 -42.06 -59.26
N VAL F 251 17.58 -42.72 -60.20
CA VAL F 251 18.92 -42.34 -60.58
C VAL F 251 18.97 -41.93 -62.06
N THR F 252 20.00 -41.16 -62.42
CA THR F 252 20.20 -40.71 -63.79
C THR F 252 21.66 -40.97 -64.20
N ALA F 253 21.97 -40.66 -65.45
CA ALA F 253 23.31 -40.87 -65.99
C ALA F 253 24.42 -40.21 -65.16
N GLU F 254 24.12 -39.04 -64.61
CA GLU F 254 25.08 -38.30 -63.80
C GLU F 254 25.54 -39.07 -62.56
N ASP F 255 24.64 -39.89 -62.02
CA ASP F 255 24.93 -40.68 -60.82
C ASP F 255 25.73 -41.97 -61.09
N GLU F 256 26.07 -42.23 -62.34
CA GLU F 256 26.81 -43.43 -62.69
C GLU F 256 28.07 -43.63 -61.85
N GLY F 257 28.23 -44.84 -61.33
CA GLY F 257 29.37 -45.17 -60.51
C GLY F 257 28.95 -45.57 -59.11
N THR F 258 29.92 -45.67 -58.21
CA THR F 258 29.63 -46.04 -56.84
C THR F 258 29.11 -44.82 -56.07
N GLN F 259 27.95 -44.98 -55.45
CA GLN F 259 27.32 -43.92 -54.66
C GLN F 259 27.18 -44.42 -53.24
N ARG F 260 27.04 -43.47 -52.31
CA ARG F 260 26.92 -43.82 -50.91
C ARG F 260 25.49 -43.65 -50.39
N LEU F 261 24.97 -44.73 -49.80
CA LEU F 261 23.63 -44.75 -49.24
C LEU F 261 23.81 -44.65 -47.75
N THR F 262 23.11 -43.71 -47.13
CA THR F 262 23.21 -43.53 -45.69
C THR F 262 21.87 -43.43 -44.99
N CYS F 263 21.81 -43.96 -43.78
CA CYS F 263 20.64 -43.86 -42.94
C CYS F 263 21.13 -43.40 -41.59
N ALA F 264 20.56 -42.32 -41.08
CA ALA F 264 20.96 -41.79 -39.79
C ALA F 264 19.72 -41.58 -38.95
N VAL F 265 19.77 -42.04 -37.72
CA VAL F 265 18.66 -41.88 -36.80
C VAL F 265 19.15 -40.94 -35.73
N ILE F 266 18.43 -39.84 -35.54
CA ILE F 266 18.81 -38.81 -34.57
C ILE F 266 17.76 -38.48 -33.51
N LEU F 267 18.23 -38.44 -32.27
CA LEU F 267 17.43 -38.11 -31.10
C LEU F 267 18.33 -37.23 -30.24
N GLY F 268 17.82 -36.07 -29.88
CA GLY F 268 18.59 -35.16 -29.07
C GLY F 268 19.87 -34.78 -29.78
N ASN F 269 20.99 -34.97 -29.10
CA ASN F 269 22.30 -34.62 -29.67
C ASN F 269 23.11 -35.87 -30.07
N GLN F 270 22.42 -37.02 -30.16
CA GLN F 270 23.02 -38.30 -30.54
C GLN F 270 22.46 -38.83 -31.86
N SER F 271 23.32 -39.50 -32.63
CA SER F 271 22.89 -40.07 -33.90
C SER F 271 23.57 -41.40 -34.20
N GLN F 272 22.80 -42.33 -34.75
CA GLN F 272 23.30 -43.64 -35.12
C GLN F 272 23.20 -43.68 -36.64
N GLU F 273 24.33 -44.02 -37.29
CA GLU F 273 24.38 -44.02 -38.75
C GLU F 273 24.90 -45.30 -39.38
N THR F 274 24.32 -45.64 -40.53
CA THR F 274 24.70 -46.83 -41.30
C THR F 274 25.12 -46.42 -42.70
N LEU F 275 26.28 -46.89 -43.13
CA LEU F 275 26.81 -46.58 -44.46
C LEU F 275 26.87 -47.82 -45.35
N GLN F 276 26.37 -47.68 -46.57
CA GLN F 276 26.36 -48.74 -47.55
C GLN F 276 26.66 -48.19 -48.93
N THR F 277 27.02 -49.08 -49.85
CA THR F 277 27.32 -48.67 -51.21
C THR F 277 26.25 -49.19 -52.16
N VAL F 278 25.99 -48.41 -53.19
CA VAL F 278 25.04 -48.78 -54.23
C VAL F 278 25.71 -48.40 -55.52
N THR F 279 25.78 -49.34 -56.46
CA THR F 279 26.41 -49.08 -57.74
C THR F 279 25.38 -48.78 -58.83
N ILE F 280 25.55 -47.62 -59.46
CA ILE F 280 24.67 -47.20 -60.55
C ILE F 280 25.35 -47.54 -61.85
N TYR F 281 24.62 -48.30 -62.69
CA TYR F 281 25.22 -48.75 -63.90
C TYR F 281 24.59 -48.46 -65.28
N SER F 282 25.50 -48.72 -66.23
CA SER F 282 25.41 -48.70 -67.72
C SER F 282 26.53 -49.61 -68.25
N PHE F 283 26.08 -50.74 -68.79
CA PHE F 283 26.96 -51.76 -69.33
C PHE F 283 26.62 -51.96 -70.80
N PRO F 284 27.30 -51.24 -71.70
CA PRO F 284 27.06 -51.36 -73.14
C PRO F 284 27.32 -52.79 -73.61
N ALA F 285 26.39 -53.33 -74.39
CA ALA F 285 26.52 -54.69 -74.88
C ALA F 285 27.72 -54.86 -75.79
N PRO F 286 28.51 -55.92 -75.56
CA PRO F 286 29.70 -56.24 -76.34
C PRO F 286 29.29 -56.85 -77.67
N ASN F 287 29.08 -56.00 -78.67
CA ASN F 287 28.63 -56.45 -79.98
C ASN F 287 29.65 -57.25 -80.79
N VAL F 288 29.16 -58.28 -81.46
CA VAL F 288 29.99 -59.16 -82.27
C VAL F 288 30.08 -58.58 -83.69
N ILE F 289 31.31 -58.29 -84.09
CA ILE F 289 31.57 -57.72 -85.42
C ILE F 289 32.09 -58.79 -86.39
N LEU F 290 31.25 -59.14 -87.35
CA LEU F 290 31.63 -60.12 -88.36
C LEU F 290 31.95 -59.36 -89.65
N THR F 291 33.14 -59.63 -90.21
CA THR F 291 33.59 -58.99 -91.45
C THR F 291 32.45 -59.04 -92.46
N LYS F 292 31.97 -60.27 -92.71
CA LYS F 292 30.86 -60.54 -93.61
C LYS F 292 30.07 -61.64 -92.92
N PRO F 293 28.81 -61.35 -92.58
CA PRO F 293 27.92 -62.31 -91.91
C PRO F 293 27.67 -63.57 -92.74
N GLU F 294 27.44 -63.39 -94.05
CA GLU F 294 27.22 -64.51 -94.96
C GLU F 294 28.46 -64.58 -95.83
N VAL F 295 29.04 -65.76 -95.92
CA VAL F 295 30.26 -65.95 -96.67
C VAL F 295 30.25 -67.32 -97.36
N SER F 296 31.08 -67.47 -98.38
CA SER F 296 31.15 -68.75 -99.08
C SER F 296 32.37 -69.54 -98.62
N GLU F 297 32.20 -70.86 -98.57
CA GLU F 297 33.24 -71.79 -98.16
C GLU F 297 34.62 -71.38 -98.70
N GLY F 298 35.59 -71.27 -97.79
CA GLY F 298 36.93 -70.91 -98.18
C GLY F 298 37.39 -69.49 -97.89
N THR F 299 36.45 -68.58 -97.72
CA THR F 299 36.75 -67.19 -97.43
C THR F 299 37.36 -67.02 -96.03
N GLU F 300 38.24 -66.04 -95.88
CA GLU F 300 38.86 -65.72 -94.60
C GLU F 300 37.84 -64.95 -93.76
N VAL F 301 37.66 -65.36 -92.50
CA VAL F 301 36.70 -64.69 -91.63
C VAL F 301 37.35 -64.12 -90.37
N THR F 302 37.02 -62.87 -90.10
CA THR F 302 37.53 -62.14 -88.95
C THR F 302 36.40 -61.81 -87.98
N VAL F 303 36.68 -62.05 -86.69
CA VAL F 303 35.71 -61.78 -85.62
C VAL F 303 36.29 -60.91 -84.51
N LYS F 304 35.63 -59.78 -84.25
CA LYS F 304 36.06 -58.87 -83.19
C LYS F 304 34.87 -58.28 -82.45
N CYS F 305 35.11 -57.86 -81.20
CA CYS F 305 34.07 -57.28 -80.34
C CYS F 305 34.21 -55.77 -80.29
N GLU F 306 33.08 -55.08 -80.20
CA GLU F 306 33.09 -53.61 -80.13
C GLU F 306 31.93 -52.98 -79.37
N ALA F 307 32.27 -52.33 -78.27
CA ALA F 307 31.31 -51.64 -77.40
C ALA F 307 31.87 -50.29 -76.94
N GLY F 324 47.26 -51.41 -74.30
CA GLY F 324 46.69 -52.74 -74.51
C GLY F 324 46.40 -53.06 -75.96
N PRO F 325 46.95 -54.16 -76.49
CA PRO F 325 46.78 -54.65 -77.87
C PRO F 325 45.38 -55.18 -78.23
N ARG F 326 44.97 -54.95 -79.48
CA ARG F 326 43.65 -55.37 -80.00
C ARG F 326 43.69 -56.79 -80.59
N ALA F 327 42.88 -57.72 -80.04
CA ALA F 327 42.86 -59.10 -80.54
C ALA F 327 41.61 -59.49 -81.37
N GLN F 328 41.86 -60.21 -82.47
CA GLN F 328 40.81 -60.66 -83.38
C GLN F 328 40.96 -62.15 -83.63
N LEU F 329 39.86 -62.80 -83.98
CA LEU F 329 39.88 -64.24 -84.28
C LEU F 329 39.78 -64.45 -85.77
N LEU F 330 40.75 -65.15 -86.34
CA LEU F 330 40.77 -65.43 -87.77
C LEU F 330 40.59 -66.91 -87.97
N LEU F 331 39.86 -67.28 -89.03
CA LEU F 331 39.63 -68.67 -89.36
C LEU F 331 39.17 -68.76 -90.81
N LYS F 332 39.49 -69.87 -91.47
CA LYS F 332 39.04 -70.06 -92.84
C LYS F 332 37.71 -70.81 -92.77
N ALA F 333 36.65 -70.16 -93.23
CA ALA F 333 35.31 -70.72 -93.19
C ALA F 333 35.17 -72.06 -93.90
N THR F 334 34.57 -73.02 -93.20
CA THR F 334 34.33 -74.34 -93.75
C THR F 334 32.81 -74.55 -93.73
N PRO F 335 32.29 -75.50 -94.52
CA PRO F 335 30.85 -75.74 -94.56
C PRO F 335 30.30 -76.14 -93.21
N GLU F 336 31.13 -76.75 -92.39
CA GLU F 336 30.72 -77.18 -91.06
C GLU F 336 30.44 -76.01 -90.14
N ASP F 337 30.76 -74.80 -90.61
CA ASP F 337 30.54 -73.60 -89.82
C ASP F 337 29.21 -72.95 -90.07
N ASN F 338 28.54 -73.35 -91.14
CA ASN F 338 27.24 -72.77 -91.44
C ASN F 338 26.32 -73.04 -90.25
N GLY F 339 25.80 -71.96 -89.66
CA GLY F 339 24.93 -72.07 -88.52
C GLY F 339 25.64 -71.98 -87.18
N ARG F 340 26.98 -71.99 -87.20
CA ARG F 340 27.74 -71.90 -85.96
C ARG F 340 27.71 -70.50 -85.39
N SER F 341 27.92 -70.38 -84.08
CA SER F 341 27.88 -69.08 -83.45
C SER F 341 29.12 -68.61 -82.72
N PHE F 342 29.48 -67.36 -83.03
CA PHE F 342 30.62 -66.68 -82.43
C PHE F 342 30.06 -65.84 -81.29
N SER F 343 30.88 -65.64 -80.26
CA SER F 343 30.44 -64.87 -79.10
C SER F 343 31.46 -63.85 -78.64
N CYS F 344 30.93 -62.81 -78.00
CA CYS F 344 31.72 -61.73 -77.41
C CYS F 344 31.23 -61.57 -75.97
N SER F 345 32.03 -62.03 -75.02
CA SER F 345 31.66 -61.92 -73.61
C SER F 345 32.47 -60.86 -72.88
N ALA F 346 31.82 -60.14 -71.99
CA ALA F 346 32.48 -59.09 -71.21
C ALA F 346 32.05 -59.11 -69.76
N THR F 347 32.82 -58.42 -68.92
CA THR F 347 32.54 -58.31 -67.50
C THR F 347 32.70 -56.86 -67.08
N LEU F 348 32.02 -56.48 -66.01
CA LEU F 348 32.07 -55.13 -65.49
C LEU F 348 31.99 -55.15 -63.98
N GLU F 349 32.77 -54.29 -63.35
CA GLU F 349 32.80 -54.21 -61.91
C GLU F 349 31.98 -53.02 -61.40
N VAL F 350 30.96 -53.33 -60.62
CA VAL F 350 30.11 -52.30 -60.03
C VAL F 350 29.76 -52.71 -58.61
N ALA F 351 30.21 -51.88 -57.67
CA ALA F 351 29.98 -52.10 -56.25
C ALA F 351 30.48 -53.47 -55.77
N GLY F 352 31.77 -53.73 -56.02
CA GLY F 352 32.38 -54.99 -55.62
C GLY F 352 31.73 -56.24 -56.15
N GLN F 353 30.81 -56.06 -57.09
CA GLN F 353 30.09 -57.17 -57.70
C GLN F 353 30.47 -57.28 -59.17
N LEU F 354 30.61 -58.51 -59.65
CA LEU F 354 30.98 -58.76 -61.04
C LEU F 354 29.78 -59.06 -61.96
N ILE F 355 29.50 -58.15 -62.87
CA ILE F 355 28.38 -58.32 -63.82
C ILE F 355 28.92 -58.87 -65.14
N HIS F 356 28.21 -59.85 -65.70
CA HIS F 356 28.57 -60.48 -66.97
C HIS F 356 27.53 -60.19 -68.04
N LYS F 357 28.00 -60.04 -69.27
CA LYS F 357 27.12 -59.76 -70.38
C LYS F 357 27.80 -60.26 -71.65
N ASN F 358 27.04 -60.85 -72.56
CA ASN F 358 27.61 -61.34 -73.79
C ASN F 358 26.70 -61.17 -75.00
N GLN F 359 27.16 -61.67 -76.13
CA GLN F 359 26.39 -61.61 -77.37
C GLN F 359 26.92 -62.66 -78.33
N THR F 360 26.01 -63.46 -78.88
CA THR F 360 26.39 -64.49 -79.83
C THR F 360 25.80 -64.11 -81.18
N ARG F 361 26.46 -64.54 -82.25
CA ARG F 361 25.98 -64.25 -83.60
C ARG F 361 26.36 -65.43 -84.50
N GLU F 362 25.42 -65.85 -85.34
CA GLU F 362 25.62 -66.97 -86.26
C GLU F 362 26.25 -66.54 -87.58
N LEU F 363 27.00 -67.46 -88.15
CA LEU F 363 27.68 -67.24 -89.42
C LEU F 363 27.06 -68.18 -90.45
N ARG F 364 26.66 -67.63 -91.59
CA ARG F 364 26.08 -68.45 -92.65
C ARG F 364 27.15 -68.73 -93.70
N VAL F 365 27.49 -69.99 -93.89
CA VAL F 365 28.49 -70.36 -94.88
C VAL F 365 27.77 -70.99 -96.10
N LEU F 366 28.29 -70.86 -97.32
CA LEU F 366 27.46 -71.32 -98.45
C LEU F 366 27.93 -72.40 -99.41
N TYR F 367 26.96 -73.22 -99.81
CA TYR F 367 27.18 -74.22 -100.87
C TYR F 367 25.89 -74.47 -101.64
N GLY F 368 25.93 -74.07 -102.91
CA GLY F 368 24.79 -74.18 -103.81
C GLY F 368 23.99 -75.45 -103.65
N PRO F 369 22.69 -75.43 -104.03
CA PRO F 369 21.80 -76.59 -103.93
C PRO F 369 22.31 -77.75 -104.77
N ARG F 370 22.22 -78.95 -104.21
CA ARG F 370 22.69 -80.13 -104.92
C ARG F 370 21.78 -81.33 -104.78
N LEU F 371 21.65 -82.08 -105.88
CA LEU F 371 20.82 -83.29 -105.91
C LEU F 371 21.54 -84.44 -106.62
N ASP F 372 22.58 -84.99 -106.01
CA ASP F 372 23.31 -86.12 -106.63
C ASP F 372 22.37 -87.28 -106.89
N GLU F 373 22.69 -88.09 -107.91
CA GLU F 373 21.89 -89.26 -108.21
C GLU F 373 21.98 -90.15 -106.96
N ARG F 374 23.06 -89.94 -106.20
CA ARG F 374 23.31 -90.68 -104.98
C ARG F 374 22.27 -90.42 -103.90
N ASP F 375 22.06 -89.14 -103.56
CA ASP F 375 21.08 -88.80 -102.53
C ASP F 375 19.68 -88.38 -103.01
N CYS F 376 19.34 -88.77 -104.22
CA CYS F 376 18.02 -88.52 -104.82
C CYS F 376 17.92 -89.20 -106.18
N PRO F 377 17.83 -90.54 -106.18
CA PRO F 377 17.71 -91.43 -107.33
C PRO F 377 16.70 -90.99 -108.37
N GLY F 378 17.08 -91.12 -109.64
CA GLY F 378 16.20 -90.73 -110.74
C GLY F 378 15.00 -91.61 -111.02
N ASN F 379 15.01 -92.86 -110.57
CA ASN F 379 13.88 -93.75 -110.81
C ASN F 379 13.65 -94.80 -109.73
N TRP F 380 12.41 -95.28 -109.64
CA TRP F 380 12.02 -96.28 -108.65
C TRP F 380 11.04 -97.23 -109.30
N THR F 381 11.12 -98.49 -108.91
CA THR F 381 10.20 -99.50 -109.40
C THR F 381 9.75 -100.28 -108.19
N TRP F 382 8.55 -99.97 -107.71
CA TRP F 382 8.00 -100.64 -106.55
C TRP F 382 6.76 -101.44 -106.87
N PRO F 383 6.64 -102.65 -106.29
CA PRO F 383 5.51 -103.56 -106.47
C PRO F 383 4.31 -102.90 -105.81
N GLU F 384 3.15 -102.91 -106.46
CA GLU F 384 1.98 -102.33 -105.88
C GLU F 384 1.71 -102.96 -104.52
N ASN F 385 1.53 -102.12 -103.51
CA ASN F 385 1.24 -102.56 -102.16
C ASN F 385 2.40 -102.97 -101.27
N SER F 386 3.60 -102.63 -101.69
CA SER F 386 4.78 -102.95 -100.88
C SER F 386 5.04 -101.75 -99.97
N GLN F 387 5.98 -101.91 -99.05
CA GLN F 387 6.36 -100.84 -98.14
C GLN F 387 7.71 -100.32 -98.62
N GLN F 388 7.77 -99.01 -98.81
CA GLN F 388 8.98 -98.36 -99.27
C GLN F 388 9.15 -97.05 -98.54
N THR F 389 10.29 -96.39 -98.75
CA THR F 389 10.58 -95.07 -98.17
C THR F 389 11.25 -94.29 -99.27
N PRO F 390 10.49 -93.41 -99.97
CA PRO F 390 11.01 -92.58 -101.06
C PRO F 390 12.20 -91.75 -100.59
N MET F 391 13.30 -91.83 -101.32
CA MET F 391 14.48 -91.08 -100.93
C MET F 391 14.94 -89.99 -101.87
N CYS F 392 14.92 -88.75 -101.38
CA CYS F 392 15.37 -87.59 -102.14
C CYS F 392 15.74 -86.47 -101.16
N GLN F 393 17.04 -86.23 -101.00
CA GLN F 393 17.53 -85.19 -100.09
C GLN F 393 18.40 -84.15 -100.77
N ALA F 394 18.06 -82.89 -100.55
CA ALA F 394 18.79 -81.78 -101.11
C ALA F 394 19.94 -81.46 -100.18
N TRP F 395 21.00 -80.88 -100.73
CA TRP F 395 22.20 -80.52 -99.98
C TRP F 395 22.50 -79.05 -100.19
N GLY F 396 22.90 -78.37 -99.13
CA GLY F 396 23.25 -76.96 -99.26
C GLY F 396 23.01 -76.01 -98.10
N ASN F 397 23.68 -74.87 -98.18
CA ASN F 397 23.55 -73.84 -97.17
C ASN F 397 23.39 -72.50 -97.89
N PRO F 398 22.27 -71.82 -97.64
CA PRO F 398 21.21 -72.26 -96.73
C PRO F 398 20.53 -73.54 -97.21
N LEU F 399 19.97 -74.31 -96.27
CA LEU F 399 19.29 -75.57 -96.60
C LEU F 399 18.24 -75.30 -97.64
N PRO F 400 18.45 -75.83 -98.86
CA PRO F 400 17.54 -75.65 -100.00
C PRO F 400 16.16 -76.27 -99.80
N GLU F 401 15.14 -75.55 -100.28
CA GLU F 401 13.76 -76.02 -100.19
C GLU F 401 13.57 -77.02 -101.31
N LEU F 402 13.04 -78.19 -100.97
CA LEU F 402 12.85 -79.25 -101.95
C LEU F 402 11.38 -79.59 -102.14
N LYS F 403 10.99 -79.79 -103.39
CA LYS F 403 9.62 -80.15 -103.73
C LYS F 403 9.65 -81.08 -104.92
N CYS F 404 9.09 -82.28 -104.74
CA CYS F 404 9.02 -83.27 -105.81
C CYS F 404 7.57 -83.39 -106.24
N LEU F 405 7.23 -82.78 -107.36
CA LEU F 405 5.86 -82.79 -107.82
C LEU F 405 5.62 -83.47 -109.15
N LYS F 406 4.46 -84.09 -109.24
CA LYS F 406 4.02 -84.80 -110.43
C LYS F 406 2.79 -84.05 -110.90
N ASP F 407 2.73 -83.71 -112.17
CA ASP F 407 1.60 -82.94 -112.71
C ASP F 407 1.53 -81.64 -111.90
N GLY F 408 2.69 -81.08 -111.57
CA GLY F 408 2.75 -79.85 -110.82
C GLY F 408 2.09 -79.77 -109.44
N THR F 409 1.37 -80.81 -109.00
CA THR F 409 0.72 -80.74 -107.68
C THR F 409 0.81 -81.98 -106.76
N PHE F 410 0.96 -83.17 -107.34
CA PHE F 410 1.03 -84.39 -106.54
C PHE F 410 2.46 -84.62 -106.04
N PRO F 411 2.67 -84.53 -104.72
CA PRO F 411 3.98 -84.71 -104.12
C PRO F 411 4.36 -86.16 -103.87
N LEU F 412 5.67 -86.41 -103.91
CA LEU F 412 6.23 -87.71 -103.66
C LEU F 412 6.49 -87.70 -102.14
N PRO F 413 5.99 -88.71 -101.42
CA PRO F 413 6.16 -88.81 -99.96
C PRO F 413 7.60 -89.15 -99.58
N ILE F 414 8.51 -88.21 -99.76
CA ILE F 414 9.91 -88.49 -99.44
C ILE F 414 10.23 -88.50 -97.96
N GLY F 415 11.22 -89.32 -97.59
CA GLY F 415 11.64 -89.44 -96.20
C GLY F 415 10.76 -90.28 -95.27
N GLU F 416 9.55 -90.61 -95.70
CA GLU F 416 8.64 -91.40 -94.87
C GLU F 416 8.30 -92.76 -95.46
N SER F 417 7.96 -93.71 -94.58
CA SER F 417 7.58 -95.05 -94.99
C SER F 417 6.12 -95.04 -95.45
N VAL F 418 5.86 -95.57 -96.63
CA VAL F 418 4.51 -95.57 -97.17
C VAL F 418 4.13 -96.90 -97.77
N THR F 419 2.84 -97.05 -98.05
CA THR F 419 2.33 -98.24 -98.68
C THR F 419 2.21 -97.85 -100.14
N VAL F 420 2.93 -98.55 -101.03
CA VAL F 420 2.89 -98.21 -102.44
C VAL F 420 1.50 -98.36 -103.06
N THR F 421 1.01 -97.28 -103.66
CA THR F 421 -0.30 -97.29 -104.28
C THR F 421 -0.19 -96.88 -105.75
N ARG F 422 -1.27 -97.13 -106.49
CA ARG F 422 -1.32 -96.83 -107.90
C ARG F 422 -1.04 -95.37 -108.20
N ASP F 423 -1.62 -94.47 -107.41
CA ASP F 423 -1.42 -93.06 -107.67
C ASP F 423 -0.02 -92.49 -107.44
N LEU F 424 0.93 -93.33 -107.04
CA LEU F 424 2.30 -92.84 -106.84
C LEU F 424 3.00 -92.88 -108.18
N GLU F 425 2.50 -93.74 -109.05
CA GLU F 425 3.05 -93.92 -110.39
C GLU F 425 3.05 -92.62 -111.16
N GLY F 426 4.16 -92.34 -111.83
CA GLY F 426 4.24 -91.12 -112.60
C GLY F 426 5.63 -90.53 -112.63
N THR F 427 5.69 -89.32 -113.16
CA THR F 427 6.96 -88.61 -113.27
C THR F 427 6.93 -87.40 -112.36
N TYR F 428 7.96 -87.27 -111.56
CA TYR F 428 8.04 -86.16 -110.63
C TYR F 428 9.20 -85.25 -111.02
N LEU F 429 9.03 -83.95 -110.78
CA LEU F 429 10.10 -82.99 -111.04
C LEU F 429 10.54 -82.50 -109.68
N CYS F 430 11.70 -82.97 -109.22
CA CYS F 430 12.23 -82.57 -107.92
C CYS F 430 13.04 -81.29 -108.03
N ARG F 431 12.54 -80.21 -107.44
CA ARG F 431 13.23 -78.92 -107.47
C ARG F 431 13.79 -78.52 -106.12
N ALA F 432 15.07 -78.20 -106.12
CA ALA F 432 15.78 -77.77 -104.92
C ALA F 432 16.34 -76.38 -105.19
N ARG F 433 15.74 -75.36 -104.59
CA ARG F 433 16.20 -73.99 -104.79
C ARG F 433 16.56 -73.30 -103.48
N SER F 434 17.47 -72.34 -103.59
CA SER F 434 17.94 -71.54 -102.47
C SER F 434 18.60 -70.34 -103.10
N THR F 435 18.93 -69.36 -102.26
CA THR F 435 19.57 -68.15 -102.73
C THR F 435 20.87 -68.41 -103.49
N GLN F 436 21.44 -69.62 -103.39
CA GLN F 436 22.69 -69.92 -104.08
C GLN F 436 22.49 -70.49 -105.48
N GLY F 437 21.23 -70.75 -105.82
CA GLY F 437 20.92 -71.29 -107.14
C GLY F 437 19.75 -72.26 -107.08
N GLU F 438 19.56 -73.00 -108.16
CA GLU F 438 18.46 -73.95 -108.26
C GLU F 438 18.88 -75.14 -109.12
N VAL F 439 18.47 -76.33 -108.70
CA VAL F 439 18.79 -77.56 -109.42
C VAL F 439 17.52 -78.40 -109.62
N THR F 440 17.30 -78.83 -110.86
CA THR F 440 16.14 -79.64 -111.19
C THR F 440 16.48 -81.06 -111.58
N ARG F 441 15.68 -82.00 -111.07
CA ARG F 441 15.88 -83.40 -111.36
C ARG F 441 14.55 -84.11 -111.57
N GLU F 442 14.51 -84.98 -112.58
CA GLU F 442 13.29 -85.70 -112.90
C GLU F 442 13.31 -87.10 -112.29
N VAL F 443 12.25 -87.47 -111.57
CA VAL F 443 12.14 -88.78 -110.92
C VAL F 443 10.95 -89.57 -111.46
N THR F 444 11.20 -90.82 -111.82
CA THR F 444 10.16 -91.68 -112.37
C THR F 444 9.79 -92.83 -111.46
N VAL F 445 8.51 -92.91 -111.10
CA VAL F 445 8.06 -93.99 -110.24
C VAL F 445 7.22 -94.98 -111.07
N ASN F 446 7.66 -96.24 -111.09
CA ASN F 446 6.94 -97.31 -111.79
C ASN F 446 6.32 -98.16 -110.72
N VAL F 447 5.04 -98.46 -110.85
CA VAL F 447 4.37 -99.28 -109.83
C VAL F 447 3.91 -100.60 -110.42
N LEU F 448 4.75 -101.63 -110.31
CA LEU F 448 4.42 -102.95 -110.83
C LEU F 448 3.17 -103.57 -110.19
N SER F 449 2.54 -104.50 -110.89
CA SER F 449 1.36 -105.17 -110.34
C SER F 449 1.87 -106.02 -109.17
N PRO F 450 1.08 -106.13 -108.09
CA PRO F 450 1.44 -106.88 -106.87
C PRO F 450 1.80 -108.36 -107.06
C1 NAG G . 19.81 -37.81 -7.35
C2 NAG G . 18.97 -39.09 -6.62
C3 NAG G . 19.16 -39.07 -5.01
C4 NAG G . 20.61 -38.92 -4.59
C5 NAG G . 21.17 -37.64 -5.21
C6 NAG G . 22.68 -37.60 -4.97
C7 NAG G . 16.71 -40.16 -6.89
C8 NAG G . 15.20 -39.98 -7.04
N2 NAG G . 17.48 -39.04 -6.76
O3 NAG G . 18.65 -40.28 -4.41
O4 NAG G . 20.77 -38.87 -3.18
O5 NAG G . 21.10 -37.66 -6.68
O6 NAG G . 23.28 -38.79 -5.50
O7 NAG G . 17.18 -41.28 -7.01
C1 NAG H . 1.39 -18.58 10.45
C2 NAG H . 1.96 -19.88 11.08
C3 NAG H . 2.49 -19.58 12.49
C4 NAG H . 3.49 -18.43 12.42
C5 NAG H . 2.69 -17.22 11.93
C6 NAG H . 3.33 -15.82 11.96
C7 NAG H . 0.61 -21.63 10.12
C8 NAG H . -0.51 -22.65 10.29
N2 NAG H . 0.90 -20.87 11.18
O3 NAG H . 3.11 -20.72 13.03
O4 NAG H . 4.07 -18.20 13.70
O5 NAG H . 2.29 -17.47 10.59
O6 NAG H . 4.31 -15.63 10.96
O7 NAG H . 1.21 -21.55 9.05
C1 NAG I . 0.87 -34.30 -14.49
C2 NAG I . -0.48 -33.83 -15.06
C3 NAG I . -1.60 -34.61 -14.36
C4 NAG I . -1.39 -36.10 -14.63
C5 NAG I . -0.03 -36.51 -14.03
C6 NAG I . 0.34 -38.00 -14.13
C7 NAG I . -0.78 -31.56 -15.92
C8 NAG I . -0.90 -30.09 -15.60
N2 NAG I . -0.62 -32.38 -14.88
O3 NAG I . -2.87 -34.17 -14.82
O4 NAG I . -2.44 -36.88 -14.04
O5 NAG I . 1.04 -35.73 -14.67
O6 NAG I . 0.39 -38.45 -15.48
O7 NAG I . -0.86 -31.93 -17.09
C1 NAG J . -2.25 -16.23 -7.38
C2 NAG J . -2.32 -15.46 -8.70
C3 NAG J . -3.31 -14.29 -8.63
C4 NAG J . -4.65 -14.74 -8.04
C5 NAG J . -4.39 -15.45 -6.72
C6 NAG J . -5.63 -15.95 -6.03
C7 NAG J . -0.32 -15.40 -10.02
C8 NAG J . 1.06 -14.80 -10.23
N2 NAG J . -1.01 -14.93 -8.99
O3 NAG J . -3.51 -13.76 -9.94
O4 NAG J . -5.50 -13.62 -7.83
O5 NAG J . -3.56 -16.61 -6.96
O6 NAG J . -5.30 -16.91 -5.03
O7 NAG J . -0.75 -16.29 -10.77
C1 NAG K . -4.99 -11.78 -5.82
C2 NAG K . -5.31 -10.57 -4.95
C3 NAG K . -6.76 -10.10 -5.23
C4 NAG K . -6.94 -9.83 -6.71
C5 NAG K . -6.47 -11.04 -7.53
C6 NAG K . -6.42 -10.68 -8.99
C7 NAG K . -3.92 -10.75 -3.02
C8 NAG K . -3.78 -11.15 -1.55
N2 NAG K . -5.11 -10.94 -3.56
O3 NAG K . -7.06 -8.90 -4.52
O4 NAG K . -8.31 -9.54 -6.95
O5 NAG K . -5.11 -11.43 -7.19
O6 NAG K . -5.41 -9.69 -9.18
O7 NAG K . -2.96 -10.28 -3.65
C1 NAG L . 4.19 -53.00 -27.33
C2 NAG L . 3.03 -53.27 -28.26
C3 NAG L . 1.93 -53.78 -27.34
C4 NAG L . 2.42 -55.12 -26.74
C5 NAG L . 3.88 -55.09 -26.20
C6 NAG L . 4.48 -56.49 -26.22
C7 NAG L . 2.97 -51.95 -30.29
C8 NAG L . 2.90 -53.21 -31.16
N2 NAG L . 2.63 -52.09 -29.00
O3 NAG L . 0.73 -53.98 -28.09
O4 NAG L . 1.54 -55.49 -25.68
O5 NAG L . 4.77 -54.25 -26.99
O6 NAG L . 4.34 -57.10 -27.50
O7 NAG L . 3.31 -50.87 -30.78
C1 NAG M . 23.05 -31.74 -26.27
C2 NAG M . 22.39 -31.55 -24.88
C3 NAG M . 21.78 -30.14 -24.77
C4 NAG M . 22.85 -29.10 -25.09
C5 NAG M . 23.34 -29.36 -26.50
C6 NAG M . 24.37 -28.35 -26.97
C7 NAG M . 21.67 -33.83 -24.46
C8 NAG M . 22.15 -34.23 -23.07
N2 NAG M . 21.35 -32.55 -24.66
O3 NAG M . 21.29 -29.93 -23.46
O4 NAG M . 22.32 -27.80 -24.98
O5 NAG M . 23.96 -30.67 -26.58
O6 NAG M . 25.25 -27.98 -25.92
O7 NAG M . 21.58 -34.71 -25.34
C1 NAG N . 25.69 -65.64 -72.72
C2 NAG N . 26.28 -67.04 -72.46
C3 NAG N . 25.18 -68.10 -72.30
C4 NAG N . 24.00 -67.62 -71.43
C5 NAG N . 23.56 -66.22 -71.86
C6 NAG N . 22.43 -65.64 -71.02
C7 NAG N . 28.46 -67.44 -73.46
C8 NAG N . 29.08 -68.72 -72.91
N2 NAG N . 27.14 -67.40 -73.58
O3 NAG N . 25.72 -69.28 -71.72
O4 NAG N . 22.91 -68.52 -71.55
O5 NAG N . 24.68 -65.33 -71.76
O6 NAG N . 21.60 -64.79 -71.80
O7 NAG N . 29.21 -66.51 -73.81
#